data_8FRG
#
_entry.id   8FRG
#
_cell.length_a   92.893
_cell.length_b   105.041
_cell.length_c   70.812
_cell.angle_alpha   90.000
_cell.angle_beta   90.000
_cell.angle_gamma   90.000
#
_symmetry.space_group_name_H-M   'P 21 21 2'
#
loop_
_entity.id
_entity.type
_entity.pdbx_description
1 polymer 'Acidic mammalian chitinase'
2 branched 2-acetamido-2-deoxy-beta-D-glucopyranose-(1-4)-2-acetamido-2-deoxy-beta-D-glucopyranose
3 branched 2-acetamido-2-deoxy-beta-D-glucopyranose-(1-4)-2-acetamido-2-deoxy-alpha-D-glucopyranose
4 non-polymer 'MAGNESIUM ION'
5 water water
#
_entity_poly.entity_id   1
_entity_poly.type   'polypeptide(L)'
_entity_poly.pdbx_seq_one_letter_code
;MAKLLLVTGLALLLNAQLGSAYNLICYFTNWAQYRPGLGSFKPDDINPCLCTHLIYAFAGMQNNEITTIEWNDVTLYKAF
NDLKNRNSKLKTLLAIGGWNFGTAPFTTMVSTSQNRQTFITSVIKFLRQYGFDGLDLDWEYPGSRGSPPQDKHLFTVLVK
EMREAFEQEAIESNRPRLMVTAAVAGGISNIQAGYEIPELSKYLDFIHVMTYDLHGSWEGYTGENSPLYKYPTETGSNAY
LNVDYVMNYWKNNGAPAEKLIVGFPEYGHTFILRNPSDNGIGAPTSGDGPAGPYTRQAGFWAYYEICTFLRSGATEVWDA
SQEVPYAYKANEWLGYDNIKSFSVKAQWLKQNNFGGAMIWAIDLDDFTGSFCDQGKFPLTSTLNKALGISTHHHHHH
;
_entity_poly.pdbx_strand_id   A,B
#
loop_
_chem_comp.id
_chem_comp.type
_chem_comp.name
_chem_comp.formula
MG non-polymer 'MAGNESIUM ION' 'Mg 2'
NAG D-saccharide, beta linking 2-acetamido-2-deoxy-beta-D-glucopyranose 'C8 H15 N O6'
NDG D-saccharide, alpha linking 2-acetamido-2-deoxy-alpha-D-glucopyranose 'C8 H15 N O6'
#
# COMPACT_ATOMS: atom_id res chain seq x y z
N TYR A 22 -4.10 2.46 -4.46
CA TYR A 22 -2.95 2.96 -5.19
C TYR A 22 -3.43 3.68 -6.45
N ASN A 23 -2.58 4.56 -6.96
N ASN A 23 -2.58 4.57 -6.97
CA ASN A 23 -2.84 5.30 -8.19
CA ASN A 23 -2.87 5.27 -8.21
C ASN A 23 -1.97 4.75 -9.31
C ASN A 23 -1.96 4.74 -9.31
N LEU A 24 -2.50 4.72 -10.53
CA LEU A 24 -1.72 4.36 -11.72
C LEU A 24 -1.93 5.54 -12.66
N ILE A 25 -0.87 6.33 -12.85
N ILE A 25 -0.89 6.37 -12.76
CA ILE A 25 -0.91 7.58 -13.59
CA ILE A 25 -0.88 7.56 -13.60
C ILE A 25 -0.19 7.36 -14.93
C ILE A 25 -0.26 7.18 -14.93
N CYS A 26 -0.90 7.58 -16.02
CA CYS A 26 -0.44 7.21 -17.35
C CYS A 26 -0.29 8.45 -18.22
N TYR A 27 0.94 8.71 -18.66
CA TYR A 27 1.21 9.81 -19.60
C TYR A 27 0.89 9.39 -21.03
N PHE A 28 0.25 10.29 -21.78
CA PHE A 28 -0.01 10.19 -23.20
C PHE A 28 0.64 11.39 -23.87
N THR A 29 1.30 11.19 -25.01
CA THR A 29 2.03 12.25 -25.68
C THR A 29 1.37 12.63 -27.00
N ASN A 30 1.23 13.93 -27.23
CA ASN A 30 0.51 14.44 -28.40
C ASN A 30 1.35 14.44 -29.67
N TRP A 31 2.56 13.90 -29.66
CA TRP A 31 3.34 13.73 -30.86
C TRP A 31 3.40 12.27 -31.30
N ALA A 32 2.85 11.36 -30.51
CA ALA A 32 2.82 9.95 -30.91
C ALA A 32 1.99 9.76 -32.16
N GLN A 33 1.04 10.65 -32.40
CA GLN A 33 0.20 10.55 -33.59
C GLN A 33 1.01 10.58 -34.88
N TYR A 34 2.22 11.13 -34.86
CA TYR A 34 3.00 11.28 -36.09
C TYR A 34 3.91 10.10 -36.38
N ARG A 35 3.99 9.12 -35.48
CA ARG A 35 4.85 7.97 -35.73
C ARG A 35 4.29 7.18 -36.91
N PRO A 36 5.16 6.55 -37.69
CA PRO A 36 4.71 5.89 -38.92
C PRO A 36 3.97 4.60 -38.63
N GLY A 37 3.10 4.24 -39.56
CA GLY A 37 2.45 2.95 -39.53
C GLY A 37 1.80 2.65 -38.20
N LEU A 38 2.04 1.45 -37.69
CA LEU A 38 1.40 0.99 -36.47
C LEU A 38 1.90 1.71 -35.24
N GLY A 39 2.90 2.61 -35.35
CA GLY A 39 3.33 3.38 -34.20
C GLY A 39 2.37 4.52 -33.85
N SER A 40 1.49 4.87 -34.77
CA SER A 40 0.63 6.03 -34.58
C SER A 40 -0.36 5.75 -33.45
N PHE A 41 -0.51 6.72 -32.55
CA PHE A 41 -1.26 6.53 -31.31
C PHE A 41 -1.98 7.83 -30.96
N LYS A 42 -3.28 7.73 -30.72
CA LYS A 42 -4.13 8.85 -30.34
C LYS A 42 -5.00 8.43 -29.16
N PRO A 43 -5.69 9.38 -28.51
CA PRO A 43 -6.39 9.03 -27.27
C PRO A 43 -7.39 7.90 -27.40
N ASP A 44 -8.03 7.73 -28.56
CA ASP A 44 -8.96 6.64 -28.72
C ASP A 44 -8.30 5.27 -28.63
N ASP A 45 -6.97 5.19 -28.69
CA ASP A 45 -6.27 3.93 -28.53
C ASP A 45 -6.02 3.56 -27.07
N ILE A 46 -6.35 4.45 -26.14
CA ILE A 46 -6.17 4.20 -24.71
C ILE A 46 -7.33 3.37 -24.18
N ASN A 47 -7.01 2.30 -23.49
CA ASN A 47 -8.01 1.56 -22.72
C ASN A 47 -8.38 2.39 -21.50
N PRO A 48 -9.62 2.89 -21.39
N PRO A 48 -9.62 2.90 -21.40
CA PRO A 48 -9.94 3.79 -20.29
CA PRO A 48 -9.94 3.80 -20.28
C PRO A 48 -9.89 3.14 -18.92
C PRO A 48 -9.84 3.14 -18.92
N CYS A 49 -9.89 1.82 -18.85
CA CYS A 49 -9.93 1.12 -17.57
C CYS A 49 -8.55 0.87 -16.96
N LEU A 50 -7.48 1.07 -17.72
CA LEU A 50 -6.15 0.66 -17.22
C LEU A 50 -5.65 1.56 -16.09
N CYS A 51 -5.80 2.87 -16.22
CA CYS A 51 -5.17 3.81 -15.30
C CYS A 51 -6.21 4.49 -14.40
N THR A 52 -5.74 5.06 -13.31
CA THR A 52 -6.62 5.90 -12.50
C THR A 52 -6.55 7.36 -12.92
N HIS A 53 -5.43 7.77 -13.48
CA HIS A 53 -5.22 9.13 -13.97
C HIS A 53 -4.53 9.06 -15.32
N LEU A 54 -5.01 9.86 -16.28
CA LEU A 54 -4.31 10.04 -17.54
C LEU A 54 -3.78 11.45 -17.60
N ILE A 55 -2.54 11.62 -18.05
CA ILE A 55 -1.92 12.93 -18.11
C ILE A 55 -1.52 13.22 -19.55
N TYR A 56 -1.94 14.37 -20.04
CA TYR A 56 -1.74 14.77 -21.43
C TYR A 56 -0.46 15.58 -21.55
N ALA A 57 0.54 15.04 -22.26
CA ALA A 57 1.82 15.70 -22.47
C ALA A 57 1.86 16.19 -23.92
N PHE A 58 2.03 17.51 -24.13
CA PHE A 58 2.20 18.63 -23.26
C PHE A 58 1.40 19.81 -23.77
N ALA A 59 1.05 20.70 -22.85
CA ALA A 59 0.73 22.07 -23.19
C ALA A 59 2.01 22.92 -23.18
N GLY A 60 1.89 24.12 -23.74
CA GLY A 60 2.99 25.06 -23.79
C GLY A 60 2.61 26.36 -23.13
N MET A 61 3.35 27.43 -23.43
CA MET A 61 3.15 28.70 -22.77
C MET A 61 3.46 29.80 -23.77
N GLN A 62 2.65 30.85 -23.74
CA GLN A 62 2.91 32.02 -24.56
C GLN A 62 2.50 33.24 -23.75
N ASN A 63 3.39 34.23 -23.66
CA ASN A 63 3.09 35.46 -22.92
C ASN A 63 2.53 35.12 -21.55
N ASN A 64 3.17 34.14 -20.90
CA ASN A 64 2.86 33.68 -19.56
C ASN A 64 1.49 33.06 -19.44
N GLU A 65 0.89 32.61 -20.55
CA GLU A 65 -0.39 31.94 -20.52
C GLU A 65 -0.22 30.54 -21.11
N ILE A 66 -0.93 29.58 -20.54
CA ILE A 66 -0.92 28.22 -21.09
C ILE A 66 -1.56 28.21 -22.47
N THR A 67 -1.04 27.33 -23.34
N THR A 67 -1.07 27.32 -23.34
CA THR A 67 -1.50 27.27 -24.72
CA THR A 67 -1.56 27.28 -24.71
C THR A 67 -1.45 25.83 -25.22
C THR A 67 -1.34 25.89 -25.30
N THR A 68 -2.10 25.59 -26.35
CA THR A 68 -1.90 24.36 -27.12
C THR A 68 -0.59 24.43 -27.89
N ILE A 69 -0.14 23.28 -28.38
CA ILE A 69 1.06 23.22 -29.22
C ILE A 69 0.82 22.51 -30.54
N GLU A 70 -0.06 21.52 -30.59
CA GLU A 70 -0.33 20.81 -31.84
C GLU A 70 -1.60 21.35 -32.48
N TRP A 71 -1.64 21.31 -33.83
CA TRP A 71 -2.75 21.88 -34.56
C TRP A 71 -4.08 21.25 -34.14
N ASN A 72 -4.07 19.99 -33.69
CA ASN A 72 -5.30 19.27 -33.36
C ASN A 72 -5.42 18.98 -31.87
N ASP A 73 -4.70 19.71 -31.03
CA ASP A 73 -4.79 19.50 -29.58
C ASP A 73 -6.24 19.61 -29.09
N VAL A 74 -7.01 20.59 -29.58
CA VAL A 74 -8.34 20.77 -29.03
C VAL A 74 -9.19 19.53 -29.30
N THR A 75 -9.03 18.95 -30.49
CA THR A 75 -9.68 17.69 -30.85
C THR A 75 -9.18 16.54 -29.98
N LEU A 76 -7.87 16.47 -29.77
CA LEU A 76 -7.34 15.38 -28.97
C LEU A 76 -7.73 15.54 -27.51
N TYR A 77 -7.85 16.78 -27.04
CA TYR A 77 -8.31 17.00 -25.69
C TYR A 77 -9.71 16.41 -25.50
N LYS A 78 -10.59 16.65 -26.48
CA LYS A 78 -11.94 16.11 -26.42
C LYS A 78 -11.93 14.58 -26.40
N ALA A 79 -11.12 13.96 -27.28
CA ALA A 79 -11.03 12.50 -27.31
C ALA A 79 -10.44 11.96 -26.02
N PHE A 80 -9.46 12.67 -25.46
CA PHE A 80 -8.82 12.27 -24.21
C PHE A 80 -9.81 12.32 -23.06
N ASN A 81 -10.49 13.45 -22.89
CA ASN A 81 -11.40 13.57 -21.76
C ASN A 81 -12.72 12.85 -21.98
N ASP A 82 -13.04 12.49 -23.23
CA ASP A 82 -14.18 11.61 -23.48
C ASP A 82 -13.93 10.19 -22.97
N LEU A 83 -12.68 9.80 -22.68
CA LEU A 83 -12.43 8.49 -22.11
C LEU A 83 -13.08 8.36 -20.74
N LYS A 84 -13.29 9.47 -20.05
CA LYS A 84 -14.01 9.42 -18.79
C LYS A 84 -15.44 8.92 -18.99
N ASN A 85 -15.98 9.01 -20.22
CA ASN A 85 -17.31 8.44 -20.47
C ASN A 85 -17.34 6.93 -20.34
N ARG A 86 -16.19 6.28 -20.22
N ARG A 86 -16.20 6.27 -20.20
CA ARG A 86 -16.11 4.83 -20.09
CA ARG A 86 -16.14 4.82 -20.06
C ARG A 86 -15.47 4.41 -18.77
C ARG A 86 -15.47 4.40 -18.77
N ASN A 87 -15.30 5.32 -17.83
CA ASN A 87 -14.71 5.03 -16.54
C ASN A 87 -14.98 6.19 -15.60
N SER A 88 -15.99 6.06 -14.72
CA SER A 88 -16.44 7.19 -13.92
C SER A 88 -15.42 7.61 -12.88
N LYS A 89 -14.44 6.78 -12.57
CA LYS A 89 -13.45 7.14 -11.58
C LYS A 89 -12.21 7.81 -12.20
N LEU A 90 -12.06 7.74 -13.52
CA LEU A 90 -10.88 8.27 -14.19
C LEU A 90 -10.79 9.78 -14.04
N LYS A 91 -9.59 10.29 -13.73
CA LYS A 91 -9.29 11.70 -13.76
C LYS A 91 -8.24 12.00 -14.83
N THR A 92 -8.30 13.19 -15.42
CA THR A 92 -7.33 13.59 -16.42
C THR A 92 -6.63 14.85 -15.97
N LEU A 93 -5.35 14.96 -16.34
CA LEU A 93 -4.60 16.16 -16.10
C LEU A 93 -3.87 16.57 -17.37
N LEU A 94 -3.55 17.86 -17.45
CA LEU A 94 -2.77 18.44 -18.53
C LEU A 94 -1.39 18.78 -18.00
N ALA A 95 -0.34 18.23 -18.63
CA ALA A 95 1.02 18.56 -18.24
C ALA A 95 1.52 19.74 -19.07
N ILE A 96 2.23 20.66 -18.43
CA ILE A 96 2.85 21.78 -19.11
C ILE A 96 4.36 21.68 -18.95
N GLY A 97 5.08 21.86 -20.07
CA GLY A 97 6.53 21.84 -20.00
C GLY A 97 7.14 20.63 -20.67
N GLY A 98 7.87 19.84 -19.87
CA GLY A 98 8.66 18.74 -20.39
C GLY A 98 10.11 19.13 -20.59
N TRP A 99 10.91 18.11 -20.88
CA TRP A 99 12.35 18.32 -21.06
C TRP A 99 12.64 19.35 -22.14
N ASN A 100 12.06 19.17 -23.31
CA ASN A 100 12.38 19.97 -24.50
C ASN A 100 11.79 21.38 -24.42
N PHE A 101 11.02 21.67 -23.39
CA PHE A 101 10.48 23.01 -23.18
C PHE A 101 11.52 23.94 -22.57
N GLY A 102 12.57 23.38 -21.99
CA GLY A 102 13.59 24.22 -21.38
C GLY A 102 13.09 24.87 -20.10
N THR A 103 13.71 26.01 -19.77
CA THR A 103 13.42 26.62 -18.49
C THR A 103 13.07 28.09 -18.62
N ALA A 104 13.60 28.76 -19.64
CA ALA A 104 13.46 30.21 -19.73
C ALA A 104 12.00 30.69 -19.59
N PRO A 105 11.02 30.12 -20.26
CA PRO A 105 9.64 30.60 -20.06
C PRO A 105 9.15 30.43 -18.64
N PHE A 106 9.57 29.37 -17.94
CA PHE A 106 9.16 29.20 -16.55
C PHE A 106 9.82 30.24 -15.66
N THR A 107 11.14 30.43 -15.84
CA THR A 107 11.85 31.45 -15.08
C THR A 107 11.15 32.81 -15.21
N THR A 108 10.87 33.21 -16.44
CA THR A 108 10.21 34.50 -16.65
C THR A 108 8.84 34.53 -16.00
N MET A 109 8.09 33.42 -16.06
CA MET A 109 6.73 33.41 -15.56
C MET A 109 6.68 33.47 -14.04
N VAL A 110 7.64 32.82 -13.35
CA VAL A 110 7.58 32.86 -11.89
C VAL A 110 8.26 34.08 -11.30
N SER A 111 8.94 34.90 -12.11
CA SER A 111 9.80 35.97 -11.61
C SER A 111 9.02 37.11 -10.97
N THR A 112 7.73 37.27 -11.27
CA THR A 112 6.92 38.32 -10.67
C THR A 112 5.55 37.77 -10.31
N SER A 113 4.97 38.33 -9.25
N SER A 113 4.97 38.32 -9.24
CA SER A 113 3.62 37.91 -8.87
CA SER A 113 3.62 37.93 -8.86
C SER A 113 2.63 38.14 -10.00
C SER A 113 2.65 38.12 -10.01
N GLN A 114 2.83 39.20 -10.79
CA GLN A 114 1.91 39.49 -11.87
C GLN A 114 1.96 38.40 -12.95
N ASN A 115 3.16 38.00 -13.36
CA ASN A 115 3.30 36.93 -14.33
C ASN A 115 2.71 35.61 -13.81
N ARG A 116 2.92 35.32 -12.52
CA ARG A 116 2.34 34.10 -11.97
C ARG A 116 0.83 34.14 -12.00
N GLN A 117 0.23 35.29 -11.64
N GLN A 117 0.23 35.28 -11.65
CA GLN A 117 -1.22 35.41 -11.64
CA GLN A 117 -1.23 35.35 -11.66
C GLN A 117 -1.78 35.29 -13.06
C GLN A 117 -1.79 35.28 -13.07
N THR A 118 -1.09 35.87 -14.04
CA THR A 118 -1.50 35.72 -15.43
C THR A 118 -1.53 34.25 -15.83
N PHE A 119 -0.49 33.51 -15.43
CA PHE A 119 -0.42 32.09 -15.73
C PHE A 119 -1.51 31.30 -15.00
N ILE A 120 -1.64 31.49 -13.69
CA ILE A 120 -2.62 30.74 -12.92
C ILE A 120 -4.03 30.97 -13.46
N THR A 121 -4.38 32.23 -13.74
CA THR A 121 -5.69 32.51 -14.28
C THR A 121 -5.90 31.79 -15.60
N SER A 122 -4.88 31.80 -16.47
CA SER A 122 -5.05 31.16 -17.77
C SER A 122 -5.22 29.65 -17.60
N VAL A 123 -4.53 29.05 -16.64
CA VAL A 123 -4.63 27.62 -16.41
C VAL A 123 -6.03 27.23 -15.97
N ILE A 124 -6.63 28.00 -15.05
CA ILE A 124 -7.96 27.68 -14.57
C ILE A 124 -8.97 27.67 -15.72
N LYS A 125 -8.99 28.73 -16.51
CA LYS A 125 -9.92 28.81 -17.64
C LYS A 125 -9.68 27.67 -18.62
N PHE A 126 -8.42 27.36 -18.89
CA PHE A 126 -8.06 26.35 -19.90
C PHE A 126 -8.48 24.95 -19.44
N LEU A 127 -8.14 24.58 -18.20
CA LEU A 127 -8.51 23.24 -17.73
C LEU A 127 -10.02 23.06 -17.69
N ARG A 128 -10.75 24.07 -17.22
CA ARG A 128 -12.21 23.94 -17.16
C ARG A 128 -12.83 23.93 -18.55
N GLN A 129 -12.29 24.70 -19.47
CA GLN A 129 -12.89 24.76 -20.80
C GLN A 129 -12.79 23.41 -21.51
N TYR A 130 -11.62 22.75 -21.42
CA TYR A 130 -11.37 21.55 -22.21
C TYR A 130 -11.59 20.25 -21.46
N GLY A 131 -11.88 20.28 -20.17
CA GLY A 131 -12.35 19.11 -19.46
C GLY A 131 -11.31 18.39 -18.63
N PHE A 132 -10.25 19.05 -18.23
CA PHE A 132 -9.19 18.46 -17.42
C PHE A 132 -9.48 18.63 -15.94
N ASP A 133 -9.00 17.68 -15.14
CA ASP A 133 -9.18 17.69 -13.70
C ASP A 133 -8.01 18.28 -12.94
N GLY A 134 -6.96 18.73 -13.63
CA GLY A 134 -5.83 19.28 -12.91
C GLY A 134 -4.68 19.59 -13.86
N LEU A 135 -3.65 20.19 -13.26
CA LEU A 135 -2.41 20.56 -13.96
C LEU A 135 -1.24 19.77 -13.40
N ASP A 136 -0.45 19.18 -14.28
CA ASP A 136 0.83 18.57 -13.92
C ASP A 136 1.94 19.52 -14.38
N LEU A 137 2.69 20.06 -13.42
CA LEU A 137 3.81 20.95 -13.73
C LEU A 137 5.03 20.12 -14.04
N ASP A 138 5.57 20.29 -15.25
N ASP A 138 5.59 20.30 -15.25
CA ASP A 138 6.77 19.56 -15.66
CA ASP A 138 6.77 19.55 -15.64
C ASP A 138 7.87 20.52 -16.06
C ASP A 138 7.90 20.48 -16.03
N TRP A 139 8.31 21.34 -15.09
CA TRP A 139 9.46 22.20 -15.27
C TRP A 139 10.70 21.38 -15.00
N GLU A 140 11.54 21.21 -16.03
CA GLU A 140 12.77 20.43 -15.92
C GLU A 140 13.98 21.34 -16.15
N TYR A 141 14.52 21.92 -15.06
CA TYR A 141 14.08 21.88 -13.68
C TYR A 141 14.35 23.24 -13.06
N PRO A 142 13.63 23.62 -12.00
CA PRO A 142 13.99 24.86 -11.30
C PRO A 142 15.42 24.77 -10.81
N GLY A 143 16.20 25.81 -11.06
CA GLY A 143 17.54 25.88 -10.54
C GLY A 143 18.59 25.13 -11.32
N SER A 144 18.23 24.50 -12.44
CA SER A 144 19.19 23.80 -13.29
C SER A 144 18.88 24.14 -14.74
N ARG A 145 19.76 23.66 -15.63
CA ARG A 145 19.62 23.84 -17.07
C ARG A 145 19.40 25.31 -17.44
N GLY A 146 20.10 26.20 -16.75
CA GLY A 146 20.02 27.62 -17.02
C GLY A 146 19.10 28.38 -16.10
N SER A 147 18.25 27.69 -15.34
CA SER A 147 17.37 28.36 -14.39
C SER A 147 18.20 28.90 -13.23
N PRO A 148 18.00 30.14 -12.82
CA PRO A 148 18.83 30.73 -11.76
C PRO A 148 18.44 30.25 -10.38
N PRO A 149 19.32 30.45 -9.39
CA PRO A 149 19.09 29.84 -8.08
C PRO A 149 17.79 30.24 -7.39
N GLN A 150 17.31 31.46 -7.61
CA GLN A 150 16.10 31.91 -6.94
C GLN A 150 14.88 31.11 -7.38
N ASP A 151 14.97 30.38 -8.49
CA ASP A 151 13.83 29.61 -8.99
C ASP A 151 13.48 28.44 -8.09
N LYS A 152 14.42 27.98 -7.26
CA LYS A 152 14.09 26.93 -6.29
C LYS A 152 12.97 27.39 -5.36
N HIS A 153 13.10 28.61 -4.83
CA HIS A 153 12.05 29.11 -3.94
C HIS A 153 10.84 29.60 -4.71
N LEU A 154 11.07 30.21 -5.88
CA LEU A 154 9.93 30.73 -6.64
C LEU A 154 9.05 29.61 -7.16
N PHE A 155 9.60 28.41 -7.40
CA PHE A 155 8.76 27.25 -7.71
C PHE A 155 7.82 26.93 -6.56
N THR A 156 8.33 26.93 -5.33
CA THR A 156 7.44 26.76 -4.18
C THR A 156 6.35 27.81 -4.19
N VAL A 157 6.74 29.07 -4.41
CA VAL A 157 5.77 30.17 -4.43
C VAL A 157 4.70 29.91 -5.48
N LEU A 158 5.13 29.54 -6.69
CA LEU A 158 4.18 29.20 -7.75
C LEU A 158 3.23 28.10 -7.30
N VAL A 159 3.76 27.00 -6.76
CA VAL A 159 2.89 25.88 -6.47
C VAL A 159 1.90 26.23 -5.37
N LYS A 160 2.37 26.94 -4.33
CA LYS A 160 1.48 27.39 -3.27
C LYS A 160 0.38 28.29 -3.82
N GLU A 161 0.75 29.27 -4.66
CA GLU A 161 -0.26 30.17 -5.22
C GLU A 161 -1.21 29.44 -6.15
N MET A 162 -0.72 28.43 -6.87
N MET A 162 -0.72 28.44 -6.88
CA MET A 162 -1.62 27.67 -7.72
CA MET A 162 -1.60 27.66 -7.74
C MET A 162 -2.56 26.83 -6.88
C MET A 162 -2.55 26.82 -6.88
N ARG A 163 -2.02 26.15 -5.86
CA ARG A 163 -2.86 25.40 -4.96
C ARG A 163 -3.94 26.28 -4.35
N GLU A 164 -3.57 27.48 -3.89
CA GLU A 164 -4.55 28.35 -3.25
C GLU A 164 -5.56 28.88 -4.27
N ALA A 165 -5.12 29.18 -5.49
CA ALA A 165 -6.06 29.60 -6.53
C ALA A 165 -7.02 28.47 -6.89
N PHE A 166 -6.54 27.23 -6.93
CA PHE A 166 -7.43 26.11 -7.21
C PHE A 166 -8.44 25.94 -6.09
N GLU A 167 -8.00 26.12 -4.84
N GLU A 167 -8.00 26.09 -4.84
CA GLU A 167 -8.95 26.07 -3.72
CA GLU A 167 -8.93 25.98 -3.72
C GLU A 167 -10.04 27.12 -3.89
C GLU A 167 -10.04 27.02 -3.85
N GLN A 168 -9.65 28.35 -4.25
N GLN A 168 -9.68 28.25 -4.21
CA GLN A 168 -10.64 29.42 -4.33
CA GLN A 168 -10.70 29.29 -4.29
C GLN A 168 -11.56 29.26 -5.53
C GLN A 168 -11.62 29.08 -5.49
N GLU A 169 -11.07 28.69 -6.64
CA GLU A 169 -11.94 28.47 -7.80
C GLU A 169 -12.97 27.39 -7.52
N ALA A 170 -12.62 26.37 -6.72
CA ALA A 170 -13.59 25.33 -6.38
C ALA A 170 -14.72 25.90 -5.54
N ILE A 171 -14.37 26.78 -4.59
CA ILE A 171 -15.38 27.47 -3.79
C ILE A 171 -16.27 28.30 -4.70
N GLU A 172 -15.65 29.14 -5.53
CA GLU A 172 -16.37 30.09 -6.35
C GLU A 172 -17.13 29.43 -7.49
N SER A 173 -16.71 28.25 -7.93
CA SER A 173 -17.41 27.53 -8.99
C SER A 173 -18.26 26.39 -8.46
N ASN A 174 -18.17 26.08 -7.17
CA ASN A 174 -18.92 24.98 -6.57
C ASN A 174 -18.66 23.68 -7.33
N ARG A 175 -17.39 23.42 -7.65
CA ARG A 175 -16.95 22.18 -8.26
C ARG A 175 -15.78 21.62 -7.47
N PRO A 176 -15.54 20.30 -7.57
CA PRO A 176 -14.34 19.71 -6.95
C PRO A 176 -13.07 20.44 -7.37
N ARG A 177 -12.12 20.53 -6.44
CA ARG A 177 -10.89 21.26 -6.69
C ARG A 177 -10.09 20.63 -7.83
N LEU A 178 -9.62 21.47 -8.75
CA LEU A 178 -8.58 21.06 -9.69
C LEU A 178 -7.35 20.60 -8.93
N MET A 179 -6.71 19.54 -9.43
CA MET A 179 -5.49 19.01 -8.82
C MET A 179 -4.27 19.76 -9.34
N VAL A 180 -3.24 19.83 -8.51
CA VAL A 180 -1.95 20.34 -8.94
C VAL A 180 -0.91 19.29 -8.57
N THR A 181 -0.24 18.75 -9.59
CA THR A 181 0.81 17.76 -9.42
C THR A 181 2.06 18.29 -10.11
N ALA A 182 3.19 17.61 -9.89
CA ALA A 182 4.43 17.97 -10.55
C ALA A 182 5.25 16.72 -10.82
N ALA A 183 5.82 16.68 -12.01
CA ALA A 183 6.85 15.70 -12.34
C ALA A 183 8.18 16.32 -11.92
N VAL A 184 8.97 15.56 -11.16
CA VAL A 184 10.13 16.11 -10.50
C VAL A 184 11.35 15.24 -10.79
N ALA A 185 12.52 15.85 -10.64
CA ALA A 185 13.80 15.24 -10.99
C ALA A 185 14.05 13.96 -10.23
N GLY A 186 14.75 13.04 -10.88
CA GLY A 186 15.27 11.86 -10.23
C GLY A 186 16.76 11.95 -9.92
N GLY A 187 17.44 12.96 -10.43
CA GLY A 187 18.88 13.13 -10.18
C GLY A 187 19.11 13.99 -8.97
N ILE A 188 20.02 13.54 -8.10
CA ILE A 188 20.13 14.17 -6.79
C ILE A 188 20.59 15.62 -6.91
N SER A 189 21.54 15.89 -7.80
N SER A 189 21.53 15.89 -7.81
CA SER A 189 22.00 17.26 -7.98
CA SER A 189 22.00 17.26 -7.98
C SER A 189 20.83 18.17 -8.35
C SER A 189 20.86 18.20 -8.39
N ASN A 190 20.02 17.75 -9.33
CA ASN A 190 18.86 18.53 -9.73
C ASN A 190 17.84 18.69 -8.60
N ILE A 191 17.61 17.64 -7.82
CA ILE A 191 16.67 17.72 -6.70
C ILE A 191 17.15 18.76 -5.69
N GLN A 192 18.44 18.71 -5.35
CA GLN A 192 18.98 19.63 -4.36
C GLN A 192 18.97 21.06 -4.85
N ALA A 193 19.15 21.27 -6.16
CA ALA A 193 19.15 22.63 -6.68
C ALA A 193 17.75 23.18 -6.88
N GLY A 194 16.72 22.32 -6.92
CA GLY A 194 15.44 22.71 -7.45
C GLY A 194 14.26 22.78 -6.52
N TYR A 195 14.24 22.01 -5.42
CA TYR A 195 12.98 21.81 -4.70
C TYR A 195 13.10 22.04 -3.20
N GLU A 196 12.19 22.87 -2.66
CA GLU A 196 12.01 22.99 -1.21
C GLU A 196 11.02 21.90 -0.83
N ILE A 197 11.54 20.70 -0.53
CA ILE A 197 10.68 19.52 -0.48
C ILE A 197 9.61 19.59 0.62
N PRO A 198 9.93 19.99 1.84
CA PRO A 198 8.87 19.99 2.88
C PRO A 198 7.72 20.92 2.53
N GLU A 199 8.01 22.13 2.07
CA GLU A 199 6.93 23.06 1.77
C GLU A 199 6.21 22.67 0.48
N LEU A 200 6.97 22.36 -0.56
CA LEU A 200 6.35 21.90 -1.81
C LEU A 200 5.36 20.77 -1.55
N SER A 201 5.75 19.79 -0.73
N SER A 201 5.74 19.81 -0.70
CA SER A 201 4.92 18.61 -0.54
CA SER A 201 4.91 18.63 -0.47
C SER A 201 3.59 18.95 0.11
C SER A 201 3.62 18.96 0.27
N LYS A 202 3.53 20.04 0.86
N LYS A 202 3.53 20.13 0.89
CA LYS A 202 2.29 20.44 1.52
CA LYS A 202 2.29 20.52 1.54
C LYS A 202 1.21 20.80 0.49
C LYS A 202 1.21 20.88 0.53
N TYR A 203 1.61 21.46 -0.61
CA TYR A 203 0.67 22.00 -1.56
C TYR A 203 0.41 21.11 -2.76
N LEU A 204 1.37 20.28 -3.16
CA LEU A 204 1.14 19.37 -4.28
C LEU A 204 0.21 18.25 -3.87
N ASP A 205 -0.63 17.82 -4.82
N ASP A 205 -0.65 17.83 -4.81
CA ASP A 205 -1.49 16.66 -4.57
CA ASP A 205 -1.48 16.65 -4.56
C ASP A 205 -0.73 15.35 -4.77
C ASP A 205 -0.69 15.36 -4.74
N PHE A 206 0.16 15.31 -5.76
CA PHE A 206 1.02 14.17 -5.97
C PHE A 206 2.35 14.64 -6.55
N ILE A 207 3.40 13.87 -6.28
CA ILE A 207 4.76 14.14 -6.71
C ILE A 207 5.15 12.97 -7.61
N HIS A 208 5.28 13.23 -8.91
CA HIS A 208 5.60 12.22 -9.91
C HIS A 208 7.11 12.21 -10.10
N VAL A 209 7.80 11.23 -9.50
CA VAL A 209 9.27 11.19 -9.49
C VAL A 209 9.77 10.44 -10.72
N MET A 210 10.59 11.14 -11.53
N MET A 210 10.60 11.12 -11.53
CA MET A 210 11.13 10.61 -12.77
CA MET A 210 11.04 10.56 -12.80
C MET A 210 12.33 9.71 -12.48
C MET A 210 12.27 9.67 -12.58
N THR A 211 12.02 8.56 -11.89
CA THR A 211 13.01 7.53 -11.60
C THR A 211 13.29 6.69 -12.84
N TYR A 212 13.79 7.37 -13.87
CA TYR A 212 14.27 6.72 -15.08
C TYR A 212 15.26 7.68 -15.75
N ASP A 213 15.75 7.29 -16.93
CA ASP A 213 16.94 7.90 -17.52
C ASP A 213 18.07 7.99 -16.49
N LEU A 214 18.21 6.95 -15.66
CA LEU A 214 19.25 6.97 -14.64
C LEU A 214 20.61 6.60 -15.21
N HIS A 215 20.63 5.89 -16.33
CA HIS A 215 21.82 5.57 -17.10
C HIS A 215 21.44 5.68 -18.58
N GLY A 216 22.43 5.93 -19.42
CA GLY A 216 22.24 6.02 -20.86
C GLY A 216 23.56 6.31 -21.53
N SER A 217 23.51 6.41 -22.86
CA SER A 217 24.72 6.54 -23.66
C SER A 217 25.56 7.75 -23.31
N TRP A 218 24.97 8.76 -22.66
CA TRP A 218 25.73 9.94 -22.29
C TRP A 218 26.90 9.60 -21.38
N GLU A 219 26.79 8.50 -20.63
CA GLU A 219 27.85 8.12 -19.70
C GLU A 219 29.05 7.48 -20.37
N GLY A 220 28.90 6.94 -21.58
CA GLY A 220 29.99 6.25 -22.24
C GLY A 220 30.18 4.80 -21.83
N TYR A 221 29.21 4.22 -21.12
CA TYR A 221 29.21 2.79 -20.82
C TYR A 221 27.76 2.36 -20.58
N THR A 222 27.53 1.05 -20.65
CA THR A 222 26.21 0.49 -20.47
C THR A 222 25.72 0.63 -19.03
N GLY A 223 24.41 0.75 -18.90
CA GLY A 223 23.75 0.84 -17.62
C GLY A 223 22.26 0.78 -17.83
N GLU A 224 21.57 0.56 -16.72
CA GLU A 224 20.13 0.34 -16.75
C GLU A 224 19.38 1.66 -16.67
N ASN A 225 18.26 1.73 -17.40
CA ASN A 225 17.41 2.92 -17.44
C ASN A 225 16.75 3.17 -16.09
N SER A 226 16.27 2.11 -15.43
CA SER A 226 15.51 2.28 -14.19
C SER A 226 15.77 1.10 -13.25
N PRO A 227 17.01 0.90 -12.81
CA PRO A 227 17.30 -0.19 -11.87
C PRO A 227 16.65 0.10 -10.53
N LEU A 228 16.09 -0.95 -9.92
CA LEU A 228 15.48 -0.76 -8.61
C LEU A 228 16.56 -0.47 -7.56
N TYR A 229 17.66 -1.19 -7.60
CA TYR A 229 18.73 -1.11 -6.64
C TYR A 229 20.04 -0.75 -7.32
N LYS A 230 21.03 -0.35 -6.52
N LYS A 230 21.02 -0.34 -6.51
CA LYS A 230 22.32 -0.04 -7.08
CA LYS A 230 22.33 -0.05 -7.06
C LYS A 230 23.01 -1.32 -7.57
C LYS A 230 23.04 -1.34 -7.44
N TYR A 231 24.01 -1.15 -8.43
N TYR A 231 23.92 -1.23 -8.43
CA TYR A 231 24.88 -2.26 -8.80
CA TYR A 231 24.79 -2.32 -8.78
C TYR A 231 25.86 -2.52 -7.66
C TYR A 231 25.78 -2.54 -7.64
N PRO A 232 26.19 -3.79 -7.37
CA PRO A 232 26.93 -4.06 -6.11
C PRO A 232 28.21 -3.26 -5.94
N THR A 233 28.91 -2.92 -7.01
CA THR A 233 30.14 -2.15 -6.87
C THR A 233 29.95 -0.65 -6.81
N GLU A 234 28.74 -0.14 -6.99
CA GLU A 234 28.54 1.30 -7.08
C GLU A 234 28.69 1.93 -5.70
N THR A 235 29.39 3.05 -5.66
CA THR A 235 29.64 3.81 -4.45
C THR A 235 29.40 5.28 -4.75
N GLY A 236 29.29 6.07 -3.70
CA GLY A 236 29.20 7.50 -3.91
C GLY A 236 28.03 7.89 -4.79
N SER A 237 28.27 8.86 -5.68
CA SER A 237 27.19 9.43 -6.48
C SER A 237 26.69 8.46 -7.52
N ASN A 238 27.50 7.47 -7.92
CA ASN A 238 26.96 6.43 -8.78
C ASN A 238 25.88 5.64 -8.06
N ALA A 239 25.94 5.61 -6.73
CA ALA A 239 24.98 4.86 -5.94
C ALA A 239 23.68 5.61 -5.74
N TYR A 240 23.55 6.82 -6.27
CA TYR A 240 22.28 7.51 -6.30
C TYR A 240 21.37 7.04 -7.44
N LEU A 241 21.91 6.35 -8.44
CA LEU A 241 21.22 6.12 -9.72
C LEU A 241 20.38 4.84 -9.68
N ASN A 242 19.42 4.81 -8.77
CA ASN A 242 18.51 3.69 -8.64
C ASN A 242 17.22 4.18 -7.98
N VAL A 243 16.12 3.46 -8.26
CA VAL A 243 14.79 3.87 -7.81
C VAL A 243 14.74 3.93 -6.28
N ASP A 244 15.30 2.93 -5.60
CA ASP A 244 15.23 2.87 -4.14
C ASP A 244 15.84 4.13 -3.52
N TYR A 245 17.00 4.55 -4.00
CA TYR A 245 17.62 5.70 -3.39
C TYR A 245 16.82 6.96 -3.65
N VAL A 246 16.36 7.15 -4.89
CA VAL A 246 15.70 8.40 -5.24
C VAL A 246 14.40 8.54 -4.47
N MET A 247 13.57 7.50 -4.44
CA MET A 247 12.29 7.60 -3.74
C MET A 247 12.52 7.84 -2.25
N ASN A 248 13.49 7.15 -1.67
CA ASN A 248 13.76 7.37 -0.25
C ASN A 248 14.38 8.73 0.01
N TYR A 249 15.08 9.29 -0.99
CA TYR A 249 15.56 10.66 -0.83
C TYR A 249 14.38 11.62 -0.67
N TRP A 250 13.40 11.54 -1.58
CA TRP A 250 12.23 12.40 -1.47
C TRP A 250 11.49 12.17 -0.16
N LYS A 251 11.25 10.90 0.19
N LYS A 251 11.24 10.90 0.17
CA LYS A 251 10.51 10.61 1.40
CA LYS A 251 10.52 10.59 1.40
C LYS A 251 11.20 11.19 2.62
C LYS A 251 11.20 11.19 2.61
N ASN A 252 12.52 10.96 2.75
CA ASN A 252 13.25 11.33 3.95
C ASN A 252 13.69 12.78 3.98
N ASN A 253 13.38 13.57 2.96
CA ASN A 253 13.63 15.00 2.95
C ASN A 253 12.32 15.80 2.94
N GLY A 254 11.22 15.17 3.35
CA GLY A 254 10.02 15.92 3.66
C GLY A 254 8.73 15.51 2.95
N ALA A 255 8.82 14.65 1.94
CA ALA A 255 7.63 14.29 1.16
C ALA A 255 6.91 13.11 1.78
N PRO A 256 5.60 13.19 2.05
CA PRO A 256 4.87 12.01 2.52
C PRO A 256 4.86 10.91 1.45
N ALA A 257 5.05 9.67 1.90
CA ALA A 257 5.11 8.58 0.94
C ALA A 257 3.82 8.44 0.16
N GLU A 258 2.66 8.75 0.78
CA GLU A 258 1.41 8.55 0.08
C GLU A 258 1.25 9.51 -1.09
N LYS A 259 1.99 10.63 -1.09
CA LYS A 259 1.97 11.56 -2.21
C LYS A 259 3.03 11.24 -3.26
N LEU A 260 3.94 10.33 -2.96
CA LEU A 260 5.06 10.03 -3.85
C LEU A 260 4.68 8.93 -4.81
N ILE A 261 4.84 9.21 -6.11
CA ILE A 261 4.52 8.28 -7.18
C ILE A 261 5.81 7.88 -7.86
N VAL A 262 5.99 6.57 -8.08
CA VAL A 262 7.19 6.01 -8.67
C VAL A 262 7.10 5.98 -10.19
N GLY A 263 8.17 6.41 -10.86
CA GLY A 263 8.17 6.47 -12.30
C GLY A 263 8.62 5.17 -12.92
N PHE A 264 7.86 4.70 -13.90
CA PHE A 264 8.07 3.42 -14.58
C PHE A 264 8.23 3.71 -16.07
N PRO A 265 9.34 3.36 -16.69
CA PRO A 265 9.48 3.63 -18.13
C PRO A 265 9.01 2.46 -18.98
N GLU A 266 8.22 2.75 -20.00
CA GLU A 266 7.81 1.74 -21.00
C GLU A 266 8.67 1.85 -22.25
N TYR A 267 9.95 2.12 -22.04
CA TYR A 267 10.95 2.26 -23.08
C TYR A 267 12.27 1.84 -22.47
N GLY A 268 13.28 1.72 -23.32
CA GLY A 268 14.63 1.41 -22.87
C GLY A 268 15.64 2.30 -23.58
N HIS A 269 16.83 2.35 -23.02
CA HIS A 269 17.94 3.06 -23.66
C HIS A 269 18.87 2.10 -24.38
N THR A 270 19.38 2.56 -25.51
CA THR A 270 20.23 1.77 -26.39
C THR A 270 21.64 2.35 -26.42
N PHE A 271 22.60 1.46 -26.69
CA PHE A 271 24.01 1.77 -26.66
C PHE A 271 24.69 1.00 -27.78
N ILE A 272 25.82 1.52 -28.27
CA ILE A 272 26.71 0.76 -29.14
C ILE A 272 27.93 0.32 -28.34
N LEU A 273 28.12 -1.00 -28.21
CA LEU A 273 29.27 -1.53 -27.51
C LEU A 273 30.56 -1.27 -28.31
N ARG A 274 31.60 -0.81 -27.62
CA ARG A 274 32.90 -0.70 -28.30
C ARG A 274 33.44 -2.05 -28.69
N ASN A 275 33.18 -3.10 -27.90
CA ASN A 275 33.59 -4.47 -28.20
C ASN A 275 32.41 -5.40 -27.92
N PRO A 276 31.91 -6.14 -28.91
N PRO A 276 31.90 -6.12 -28.92
CA PRO A 276 30.76 -7.01 -28.65
CA PRO A 276 30.76 -7.02 -28.65
C PRO A 276 31.02 -8.05 -27.57
C PRO A 276 31.02 -8.04 -27.55
N SER A 277 32.28 -8.40 -27.30
CA SER A 277 32.60 -9.37 -26.25
C SER A 277 32.48 -8.79 -24.85
N ASP A 278 32.49 -7.46 -24.72
CA ASP A 278 32.37 -6.77 -23.44
C ASP A 278 30.93 -6.24 -23.40
N ASN A 279 30.06 -6.98 -22.72
CA ASN A 279 28.63 -6.79 -22.88
C ASN A 279 27.89 -6.84 -21.54
N GLY A 280 28.59 -6.71 -20.43
CA GLY A 280 27.95 -6.63 -19.12
C GLY A 280 27.62 -5.20 -18.76
N ILE A 281 27.21 -5.02 -17.50
CA ILE A 281 26.92 -3.68 -16.97
C ILE A 281 28.22 -2.90 -16.87
N GLY A 282 28.22 -1.67 -17.37
CA GLY A 282 29.42 -0.85 -17.38
C GLY A 282 30.35 -1.05 -18.54
N ALA A 283 29.97 -1.87 -19.54
CA ALA A 283 30.84 -2.09 -20.69
C ALA A 283 30.97 -0.79 -21.49
N PRO A 284 32.16 -0.49 -22.02
N PRO A 284 32.16 -0.48 -22.01
CA PRO A 284 32.33 0.79 -22.73
CA PRO A 284 32.33 0.79 -22.71
C PRO A 284 31.50 0.84 -24.00
C PRO A 284 31.51 0.84 -23.99
N THR A 285 30.99 2.02 -24.27
CA THR A 285 30.12 2.27 -25.42
C THR A 285 30.61 3.50 -26.16
N SER A 286 30.02 3.74 -27.33
CA SER A 286 30.37 4.88 -28.18
C SER A 286 29.13 5.47 -28.84
N GLY A 287 29.11 6.79 -28.98
CA GLY A 287 28.01 7.43 -29.69
C GLY A 287 26.73 7.42 -28.88
N ASP A 288 25.64 7.80 -29.56
CA ASP A 288 24.35 8.06 -28.93
C ASP A 288 23.44 6.84 -28.84
N GLY A 289 23.76 5.74 -29.52
CA GLY A 289 22.94 4.55 -29.51
C GLY A 289 21.97 4.53 -30.67
N PRO A 290 21.61 3.33 -31.12
CA PRO A 290 20.76 3.22 -32.33
C PRO A 290 19.32 3.67 -32.08
N ALA A 291 18.69 4.16 -33.15
CA ALA A 291 17.30 4.58 -33.18
C ALA A 291 16.42 3.48 -33.74
N GLY A 292 15.15 3.51 -33.35
CA GLY A 292 14.18 2.56 -33.82
C GLY A 292 13.34 3.13 -34.94
N PRO A 293 12.72 2.27 -35.75
CA PRO A 293 12.02 2.75 -36.95
C PRO A 293 10.73 3.51 -36.67
N TYR A 294 10.14 3.37 -35.48
CA TYR A 294 8.92 4.07 -35.13
C TYR A 294 9.18 5.33 -34.29
N THR A 295 10.05 5.22 -33.30
CA THR A 295 10.32 6.39 -32.46
C THR A 295 11.42 7.28 -33.03
N ARG A 296 12.34 6.73 -33.85
CA ARG A 296 13.26 7.52 -34.68
C ARG A 296 14.05 8.55 -33.89
N GLN A 297 14.62 8.08 -32.77
CA GLN A 297 15.43 8.91 -31.89
C GLN A 297 16.58 8.09 -31.33
N ALA A 298 17.80 8.51 -31.61
CA ALA A 298 18.98 7.78 -31.17
C ALA A 298 18.93 7.59 -29.65
N GLY A 299 19.21 6.38 -29.21
CA GLY A 299 19.36 6.08 -27.81
C GLY A 299 18.11 5.54 -27.12
N PHE A 300 17.00 5.43 -27.82
CA PHE A 300 15.68 5.24 -27.23
C PHE A 300 14.88 4.22 -28.04
N TRP A 301 14.36 3.17 -27.39
CA TRP A 301 13.40 2.27 -28.03
C TRP A 301 12.14 2.13 -27.19
N ALA A 302 10.99 2.20 -27.85
CA ALA A 302 9.72 1.85 -27.21
C ALA A 302 9.67 0.37 -26.89
N TYR A 303 8.81 0.01 -25.94
CA TYR A 303 8.73 -1.38 -25.54
C TYR A 303 8.37 -2.26 -26.73
N TYR A 304 7.51 -1.76 -27.62
CA TYR A 304 7.17 -2.59 -28.76
C TYR A 304 8.34 -2.71 -29.75
N GLU A 305 9.22 -1.70 -29.83
CA GLU A 305 10.44 -1.86 -30.63
C GLU A 305 11.40 -2.84 -29.96
N ILE A 306 11.44 -2.84 -28.63
CA ILE A 306 12.29 -3.77 -27.90
C ILE A 306 11.92 -5.21 -28.20
N CYS A 307 10.62 -5.50 -28.30
CA CYS A 307 10.17 -6.86 -28.54
C CYS A 307 10.66 -7.34 -29.89
N THR A 308 10.65 -6.46 -30.89
CA THR A 308 11.18 -6.83 -32.21
C THR A 308 12.64 -7.22 -32.13
N PHE A 309 13.42 -6.48 -31.34
CA PHE A 309 14.83 -6.79 -31.13
C PHE A 309 15.00 -8.13 -30.43
N LEU A 310 14.25 -8.35 -29.35
CA LEU A 310 14.42 -9.58 -28.59
C LEU A 310 14.05 -10.79 -29.46
N ARG A 311 13.01 -10.67 -30.27
CA ARG A 311 12.54 -11.80 -31.06
C ARG A 311 13.55 -12.22 -32.12
N SER A 312 14.43 -11.31 -32.53
CA SER A 312 15.35 -11.57 -33.64
C SER A 312 16.62 -12.28 -33.20
N GLY A 313 16.70 -12.69 -31.94
CA GLY A 313 17.84 -13.46 -31.47
C GLY A 313 18.77 -12.76 -30.49
N ALA A 314 18.36 -11.64 -29.90
CA ALA A 314 19.19 -10.98 -28.90
C ALA A 314 19.40 -11.89 -27.69
N THR A 315 20.55 -11.74 -27.06
CA THR A 315 20.81 -12.43 -25.81
C THR A 315 20.20 -11.64 -24.67
N GLU A 316 19.43 -12.33 -23.84
N GLU A 316 19.43 -12.32 -23.82
CA GLU A 316 18.72 -11.72 -22.71
CA GLU A 316 18.70 -11.69 -22.72
C GLU A 316 19.41 -12.07 -21.41
C GLU A 316 19.34 -12.08 -21.39
N VAL A 317 19.63 -11.08 -20.55
CA VAL A 317 20.27 -11.28 -19.26
C VAL A 317 19.41 -10.62 -18.20
N TRP A 318 19.26 -11.30 -17.07
CA TRP A 318 18.59 -10.70 -15.93
C TRP A 318 19.67 -10.12 -15.00
N ASP A 319 19.61 -8.81 -14.76
CA ASP A 319 20.54 -8.12 -13.87
C ASP A 319 19.97 -8.34 -12.47
N ALA A 320 20.50 -9.36 -11.78
CA ALA A 320 19.83 -9.85 -10.58
C ALA A 320 19.89 -8.83 -9.43
N SER A 321 21.01 -8.12 -9.30
CA SER A 321 21.18 -7.17 -8.21
C SER A 321 20.23 -5.98 -8.35
N GLN A 322 19.90 -5.60 -9.56
CA GLN A 322 19.13 -4.39 -9.83
C GLN A 322 17.69 -4.67 -10.25
N GLU A 323 17.33 -5.94 -10.45
CA GLU A 323 15.96 -6.39 -10.71
C GLU A 323 15.41 -5.85 -12.03
N VAL A 324 16.26 -5.80 -13.05
CA VAL A 324 15.86 -5.35 -14.39
C VAL A 324 16.58 -6.18 -15.44
N PRO A 325 16.02 -6.25 -16.65
CA PRO A 325 16.66 -6.98 -17.74
C PRO A 325 17.57 -6.10 -18.60
N TYR A 326 18.53 -6.74 -19.24
CA TYR A 326 19.23 -6.11 -20.35
C TYR A 326 19.38 -7.15 -21.45
N ALA A 327 19.67 -6.66 -22.65
CA ALA A 327 19.83 -7.55 -23.79
C ALA A 327 20.86 -6.99 -24.76
N TYR A 328 21.51 -7.87 -25.51
CA TYR A 328 22.45 -7.41 -26.52
C TYR A 328 22.46 -8.34 -27.71
N LYS A 329 22.82 -7.77 -28.86
CA LYS A 329 22.99 -8.52 -30.10
C LYS A 329 24.07 -7.83 -30.89
N ALA A 330 25.10 -8.57 -31.31
CA ALA A 330 26.25 -7.94 -31.95
C ALA A 330 26.75 -6.82 -31.07
N ASN A 331 26.86 -5.60 -31.60
CA ASN A 331 27.34 -4.48 -30.80
C ASN A 331 26.22 -3.57 -30.31
N GLU A 332 24.98 -4.04 -30.27
N GLU A 332 24.97 -4.03 -30.33
CA GLU A 332 23.84 -3.25 -29.79
CA GLU A 332 23.83 -3.28 -29.79
C GLU A 332 23.40 -3.77 -28.43
C GLU A 332 23.50 -3.80 -28.40
N TRP A 333 23.39 -2.89 -27.43
CA TRP A 333 23.09 -3.24 -26.04
C TRP A 333 21.89 -2.42 -25.59
N LEU A 334 21.02 -3.03 -24.79
CA LEU A 334 19.73 -2.41 -24.38
C LEU A 334 19.52 -2.60 -22.89
N GLY A 335 19.31 -1.49 -22.18
CA GLY A 335 18.87 -1.52 -20.79
C GLY A 335 17.41 -1.14 -20.75
N TYR A 336 16.54 -1.98 -20.19
CA TYR A 336 15.11 -1.77 -20.33
C TYR A 336 14.35 -2.40 -19.16
N ASP A 337 13.01 -2.37 -19.26
CA ASP A 337 12.10 -2.97 -18.31
C ASP A 337 11.17 -3.93 -19.03
N ASN A 338 10.72 -4.95 -18.31
CA ASN A 338 9.79 -5.93 -18.86
C ASN A 338 8.75 -6.25 -17.80
N ILE A 339 7.93 -7.27 -18.07
CA ILE A 339 6.86 -7.60 -17.13
C ILE A 339 7.43 -7.94 -15.76
N LYS A 340 8.50 -8.74 -15.74
CA LYS A 340 9.08 -9.17 -14.48
C LYS A 340 9.59 -7.98 -13.69
N SER A 341 10.31 -7.07 -14.35
CA SER A 341 10.87 -5.91 -13.63
C SER A 341 9.76 -4.97 -13.18
N PHE A 342 8.75 -4.77 -14.01
CA PHE A 342 7.61 -3.98 -13.54
C PHE A 342 6.97 -4.64 -12.33
N SER A 343 6.87 -5.98 -12.34
CA SER A 343 6.22 -6.65 -11.21
C SER A 343 7.04 -6.49 -9.94
N VAL A 344 8.36 -6.64 -10.02
CA VAL A 344 9.20 -6.50 -8.82
C VAL A 344 9.09 -5.09 -8.26
N LYS A 345 9.16 -4.08 -9.11
CA LYS A 345 9.16 -2.71 -8.60
C LYS A 345 7.77 -2.32 -8.07
N ALA A 346 6.71 -2.86 -8.67
CA ALA A 346 5.38 -2.64 -8.15
C ALA A 346 5.23 -3.19 -6.75
N GLN A 347 5.68 -4.43 -6.52
N GLN A 347 5.72 -4.41 -6.52
CA GLN A 347 5.66 -4.95 -5.16
CA GLN A 347 5.65 -4.97 -5.17
C GLN A 347 6.49 -4.09 -4.24
C GLN A 347 6.54 -4.18 -4.21
N TRP A 348 7.67 -3.65 -4.71
CA TRP A 348 8.53 -2.83 -3.87
C TRP A 348 7.83 -1.52 -3.49
N LEU A 349 7.19 -0.85 -4.44
CA LEU A 349 6.57 0.43 -4.05
C LEU A 349 5.41 0.20 -3.10
N LYS A 350 4.67 -0.91 -3.26
CA LYS A 350 3.56 -1.20 -2.35
C LYS A 350 4.08 -1.45 -0.93
N GLN A 351 5.12 -2.26 -0.82
CA GLN A 351 5.68 -2.57 0.48
C GLN A 351 6.35 -1.37 1.14
N ASN A 352 6.65 -0.30 0.38
CA ASN A 352 7.22 0.92 0.95
C ASN A 352 6.19 2.03 1.11
N ASN A 353 4.91 1.73 0.87
CA ASN A 353 3.80 2.60 1.20
C ASN A 353 3.72 3.84 0.29
N PHE A 354 4.25 3.74 -0.92
CA PHE A 354 4.12 4.86 -1.86
C PHE A 354 2.71 4.91 -2.42
N GLY A 355 2.38 6.05 -3.04
CA GLY A 355 1.03 6.31 -3.50
C GLY A 355 0.67 5.60 -4.77
N GLY A 356 1.67 5.02 -5.43
CA GLY A 356 1.44 4.33 -6.70
C GLY A 356 2.54 4.54 -7.72
N ALA A 357 2.18 4.42 -9.00
CA ALA A 357 3.12 4.44 -10.10
C ALA A 357 2.65 5.39 -11.18
N MET A 358 3.60 5.94 -11.92
N MET A 358 3.61 5.91 -11.94
CA MET A 358 3.28 6.65 -13.15
CA MET A 358 3.33 6.57 -13.21
C MET A 358 4.11 6.08 -14.28
C MET A 358 4.09 5.83 -14.30
N ILE A 359 3.55 6.11 -15.47
N ILE A 359 3.59 5.92 -15.53
CA ILE A 359 4.12 5.47 -16.65
CA ILE A 359 4.26 5.32 -16.67
C ILE A 359 4.53 6.56 -17.65
C ILE A 359 4.52 6.39 -17.72
N TRP A 360 5.79 6.49 -18.13
CA TRP A 360 6.20 7.22 -19.34
C TRP A 360 6.54 6.20 -20.44
N ALA A 361 5.68 6.06 -21.43
CA ALA A 361 4.36 6.67 -21.67
C ALA A 361 3.51 5.56 -22.29
N ILE A 362 2.19 5.68 -22.18
CA ILE A 362 1.32 4.59 -22.60
C ILE A 362 1.40 4.33 -24.09
N ASP A 363 1.79 5.31 -24.89
CA ASP A 363 1.93 5.12 -26.33
C ASP A 363 3.20 4.36 -26.71
N LEU A 364 4.00 3.97 -25.73
CA LEU A 364 5.23 3.20 -25.94
C LEU A 364 5.07 1.73 -25.54
N ASP A 365 3.99 1.38 -24.83
CA ASP A 365 3.58 0.01 -24.60
C ASP A 365 3.24 -0.65 -25.92
N ASP A 366 3.13 -1.98 -25.89
CA ASP A 366 2.60 -2.70 -27.04
C ASP A 366 1.07 -2.60 -27.01
N PHE A 367 0.58 -1.43 -27.41
N PHE A 367 0.57 -1.42 -27.39
CA PHE A 367 -0.85 -1.16 -27.26
CA PHE A 367 -0.85 -1.16 -27.27
C PHE A 367 -1.69 -1.99 -28.21
C PHE A 367 -1.69 -2.01 -28.21
N THR A 368 -1.17 -2.33 -29.39
CA THR A 368 -1.90 -3.21 -30.32
C THR A 368 -1.81 -4.68 -29.93
N GLY A 369 -0.81 -5.05 -29.14
CA GLY A 369 -0.56 -6.43 -28.78
C GLY A 369 0.12 -7.25 -29.84
N SER A 370 0.50 -6.66 -30.97
CA SER A 370 0.97 -7.42 -32.11
C SER A 370 2.47 -7.33 -32.32
N PHE A 371 3.21 -6.76 -31.37
CA PHE A 371 4.68 -6.80 -31.42
C PHE A 371 5.30 -7.75 -30.42
N CYS A 372 4.69 -7.92 -29.25
CA CYS A 372 5.28 -8.65 -28.16
C CYS A 372 4.61 -9.98 -27.86
N ASP A 373 3.46 -10.25 -28.47
CA ASP A 373 2.71 -11.48 -28.20
C ASP A 373 2.53 -11.69 -26.70
N GLN A 374 2.25 -10.60 -25.98
CA GLN A 374 1.97 -10.62 -24.56
C GLN A 374 0.61 -9.99 -24.25
N GLY A 375 -0.25 -9.85 -25.25
CA GLY A 375 -1.53 -9.20 -25.06
C GLY A 375 -1.42 -7.70 -25.22
N LYS A 376 -2.57 -7.03 -25.16
CA LYS A 376 -2.58 -5.59 -25.33
C LYS A 376 -2.09 -4.91 -24.06
N PHE A 377 -1.30 -3.84 -24.23
CA PHE A 377 -0.75 -3.09 -23.12
C PHE A 377 -0.12 -4.01 -22.06
N PRO A 378 0.86 -4.82 -22.45
CA PRO A 378 1.41 -5.78 -21.47
C PRO A 378 2.04 -5.13 -20.26
N LEU A 379 2.77 -4.03 -20.44
CA LEU A 379 3.45 -3.42 -19.30
C LEU A 379 2.46 -2.67 -18.42
N THR A 380 1.58 -1.87 -19.01
CA THR A 380 0.59 -1.13 -18.23
C THR A 380 -0.37 -2.09 -17.52
N SER A 381 -0.77 -3.17 -18.21
N SER A 381 -0.78 -3.16 -18.20
CA SER A 381 -1.67 -4.15 -17.59
CA SER A 381 -1.68 -4.13 -17.57
C SER A 381 -1.01 -4.81 -16.38
C SER A 381 -1.01 -4.80 -16.37
N THR A 382 0.29 -5.02 -16.45
CA THR A 382 1.00 -5.59 -15.30
C THR A 382 0.82 -4.71 -14.07
N LEU A 383 0.95 -3.39 -14.25
CA LEU A 383 0.81 -2.49 -13.12
C LEU A 383 -0.66 -2.36 -12.69
N ASN A 384 -1.58 -2.38 -13.65
CA ASN A 384 -3.00 -2.35 -13.32
C ASN A 384 -3.35 -3.49 -12.37
N LYS A 385 -2.87 -4.69 -12.67
CA LYS A 385 -3.14 -5.84 -11.81
C LYS A 385 -2.42 -5.73 -10.48
N ALA A 386 -1.13 -5.38 -10.50
CA ALA A 386 -0.37 -5.38 -9.25
C ALA A 386 -0.86 -4.32 -8.28
N LEU A 387 -1.35 -3.19 -8.79
CA LEU A 387 -1.77 -2.10 -7.93
C LEU A 387 -3.26 -2.15 -7.58
N GLY A 388 -3.95 -3.21 -7.97
CA GLY A 388 -5.36 -3.38 -7.65
C GLY A 388 -6.25 -2.34 -8.27
N ILE A 389 -5.92 -1.90 -9.48
CA ILE A 389 -6.63 -0.77 -10.08
C ILE A 389 -8.04 -1.18 -10.51
N SER A 390 -8.18 -2.36 -11.10
CA SER A 390 -9.47 -2.80 -11.62
C SER A 390 -10.10 -3.88 -10.75
N TYR B 22 3.74 -1.73 4.89
CA TYR B 22 2.66 -2.45 5.55
C TYR B 22 3.04 -2.76 6.97
N ASN B 23 2.01 -2.96 7.79
N ASN B 23 2.02 -2.95 7.80
CA ASN B 23 2.17 -3.30 9.20
CA ASN B 23 2.21 -3.32 9.20
C ASN B 23 1.81 -4.76 9.42
C ASN B 23 1.82 -4.76 9.42
N LEU B 24 2.52 -5.42 10.34
CA LEU B 24 2.20 -6.77 10.74
C LEU B 24 2.07 -6.73 12.25
N ILE B 25 0.84 -6.88 12.73
N ILE B 25 0.82 -6.79 12.72
CA ILE B 25 0.48 -6.66 14.13
CA ILE B 25 0.48 -6.69 14.12
C ILE B 25 0.18 -8.03 14.76
C ILE B 25 0.30 -8.10 14.66
N CYS B 26 0.94 -8.39 15.79
CA CYS B 26 0.91 -9.73 16.35
C CYS B 26 0.46 -9.74 17.81
N TYR B 27 -0.64 -10.41 18.07
CA TYR B 27 -1.12 -10.58 19.43
C TYR B 27 -0.40 -11.70 20.15
N PHE B 28 -0.06 -11.46 21.41
CA PHE B 28 0.51 -12.43 22.35
C PHE B 28 -0.47 -12.52 23.51
N THR B 29 -0.73 -13.71 24.00
CA THR B 29 -1.71 -13.92 25.06
C THR B 29 -1.00 -14.37 26.33
N ASN B 30 -1.37 -13.77 27.46
CA ASN B 30 -0.68 -14.03 28.74
C ASN B 30 -1.20 -15.27 29.46
N TRP B 31 -2.03 -16.07 28.83
CA TRP B 31 -2.41 -17.37 29.36
C TRP B 31 -1.79 -18.52 28.57
N ALA B 32 -1.09 -18.24 27.47
CA ALA B 32 -0.39 -19.30 26.75
C ALA B 32 0.67 -19.96 27.61
N GLN B 33 1.17 -19.25 28.62
CA GLN B 33 2.22 -19.78 29.47
C GLN B 33 1.79 -21.06 30.17
N TYR B 34 0.50 -21.26 30.37
CA TYR B 34 -0.01 -22.36 31.18
C TYR B 34 -0.22 -23.62 30.34
N ARG B 35 -0.04 -23.55 29.04
CA ARG B 35 -0.18 -24.74 28.22
C ARG B 35 0.95 -25.69 28.55
N PRO B 36 0.71 -26.98 28.44
CA PRO B 36 1.71 -27.97 28.83
C PRO B 36 2.81 -28.17 27.81
N GLY B 37 3.95 -28.65 28.32
CA GLY B 37 5.06 -29.03 27.47
C GLY B 37 5.41 -28.01 26.41
N LEU B 38 5.47 -28.46 25.15
CA LEU B 38 5.88 -27.59 24.06
C LEU B 38 4.90 -26.46 23.79
N GLY B 39 3.68 -26.53 24.32
CA GLY B 39 2.72 -25.46 24.10
C GLY B 39 2.97 -24.21 24.91
N SER B 40 3.75 -24.32 25.98
CA SER B 40 3.95 -23.15 26.85
C SER B 40 4.68 -22.06 26.09
N PHE B 41 4.12 -20.85 26.10
CA PHE B 41 4.63 -19.75 25.30
C PHE B 41 4.70 -18.51 26.19
N LYS B 42 5.88 -17.89 26.24
CA LYS B 42 6.14 -16.65 26.95
C LYS B 42 6.85 -15.69 26.00
N PRO B 43 6.97 -14.42 26.38
CA PRO B 43 7.47 -13.42 25.42
C PRO B 43 8.85 -13.73 24.84
N ASP B 44 9.72 -14.37 25.59
CA ASP B 44 11.05 -14.66 25.04
C ASP B 44 10.99 -15.68 23.91
N ASP B 45 9.85 -16.35 23.73
CA ASP B 45 9.66 -17.23 22.60
C ASP B 45 9.35 -16.48 21.32
N ILE B 46 9.11 -15.17 21.40
CA ILE B 46 8.75 -14.37 20.23
C ILE B 46 10.02 -13.98 19.47
N ASN B 47 10.01 -14.20 18.17
CA ASN B 47 11.06 -13.66 17.31
C ASN B 47 10.84 -12.16 17.14
N PRO B 48 11.74 -11.30 17.62
N PRO B 48 11.74 -11.29 17.63
CA PRO B 48 11.44 -9.85 17.62
CA PRO B 48 11.44 -9.85 17.61
C PRO B 48 11.42 -9.24 16.23
C PRO B 48 11.37 -9.26 16.22
N CYS B 49 11.90 -9.93 15.21
CA CYS B 49 11.98 -9.37 13.86
C CYS B 49 10.76 -9.69 12.99
N LEU B 50 9.83 -10.55 13.42
CA LEU B 50 8.75 -10.97 12.53
C LEU B 50 7.71 -9.87 12.33
N CYS B 51 7.32 -9.17 13.40
CA CYS B 51 6.20 -8.25 13.38
C CYS B 51 6.67 -6.81 13.45
N THR B 52 5.81 -5.88 13.06
CA THR B 52 6.08 -4.46 13.29
C THR B 52 5.51 -3.94 14.61
N HIS B 53 4.45 -4.58 15.11
CA HIS B 53 3.84 -4.27 16.40
C HIS B 53 3.52 -5.58 17.10
N LEU B 54 3.74 -5.63 18.40
CA LEU B 54 3.27 -6.71 19.25
C LEU B 54 2.20 -6.18 20.21
N ILE B 55 1.13 -6.94 20.40
CA ILE B 55 0.06 -6.52 21.28
C ILE B 55 -0.11 -7.56 22.38
N TYR B 56 -0.11 -7.09 23.62
CA TYR B 56 -0.18 -7.95 24.80
C TYR B 56 -1.64 -8.09 25.25
N ALA B 57 -2.19 -9.30 25.13
CA ALA B 57 -3.57 -9.56 25.54
C ALA B 57 -3.52 -10.37 26.83
N PHE B 58 -4.18 -9.92 27.90
CA PHE B 58 -4.99 -8.71 28.10
C PHE B 58 -4.68 -8.13 29.45
N ALA B 59 -4.89 -6.83 29.56
CA ALA B 59 -5.08 -6.15 30.84
C ALA B 59 -6.55 -6.16 31.20
N GLY B 60 -6.81 -5.86 32.47
CA GLY B 60 -8.16 -5.77 32.99
C GLY B 60 -8.43 -4.39 33.54
N MET B 61 -9.47 -4.27 34.35
CA MET B 61 -9.94 -2.97 34.81
C MET B 61 -10.52 -3.15 36.20
N GLN B 62 -10.18 -2.21 37.09
CA GLN B 62 -10.72 -2.19 38.44
C GLN B 62 -10.91 -0.74 38.82
N ASN B 63 -12.14 -0.39 39.19
CA ASN B 63 -12.49 0.98 39.58
C ASN B 63 -12.10 1.97 38.48
N ASN B 64 -12.38 1.58 37.24
CA ASN B 64 -12.17 2.39 36.04
C ASN B 64 -10.71 2.66 35.76
N GLU B 65 -9.79 1.85 36.31
CA GLU B 65 -8.38 1.98 36.03
C GLU B 65 -7.88 0.68 35.43
N ILE B 66 -6.89 0.79 34.53
CA ILE B 66 -6.28 -0.41 33.96
C ILE B 66 -5.46 -1.14 35.01
N THR B 67 -5.45 -2.49 34.94
N THR B 67 -5.41 -2.47 34.92
CA THR B 67 -4.75 -3.29 35.92
CA THR B 67 -4.70 -3.25 35.92
C THR B 67 -4.17 -4.53 35.24
C THR B 67 -4.30 -4.60 35.34
N THR B 68 -3.36 -5.26 36.01
CA THR B 68 -2.88 -6.56 35.60
C THR B 68 -3.98 -7.61 35.83
N ILE B 69 -3.79 -8.82 35.26
CA ILE B 69 -4.71 -9.92 35.50
C ILE B 69 -3.99 -11.16 36.01
N GLU B 70 -2.79 -11.43 35.53
CA GLU B 70 -2.04 -12.64 35.90
C GLU B 70 -1.02 -12.32 36.99
N TRP B 71 -0.76 -13.32 37.85
CA TRP B 71 0.18 -13.17 38.96
C TRP B 71 1.55 -12.67 38.52
N ASN B 72 2.00 -13.03 37.31
CA ASN B 72 3.32 -12.69 36.82
C ASN B 72 3.27 -11.71 35.65
N ASP B 73 2.18 -10.95 35.51
CA ASP B 73 2.09 -9.98 34.43
C ASP B 73 3.25 -8.99 34.46
N VAL B 74 3.71 -8.58 35.66
CA VAL B 74 4.80 -7.61 35.69
C VAL B 74 6.05 -8.20 35.04
N THR B 75 6.38 -9.45 35.40
CA THR B 75 7.50 -10.17 34.77
C THR B 75 7.34 -10.27 33.25
N LEU B 76 6.16 -10.66 32.79
CA LEU B 76 5.97 -10.84 31.36
C LEU B 76 5.97 -9.51 30.62
N TYR B 77 5.46 -8.45 31.25
CA TYR B 77 5.51 -7.14 30.62
C TYR B 77 6.95 -6.74 30.30
N LYS B 78 7.85 -7.00 31.27
CA LYS B 78 9.24 -6.61 31.10
C LYS B 78 9.88 -7.43 30.01
N ALA B 79 9.56 -8.73 29.96
CA ALA B 79 10.10 -9.57 28.92
C ALA B 79 9.55 -9.16 27.57
N PHE B 80 8.28 -8.81 27.55
CA PHE B 80 7.61 -8.42 26.31
C PHE B 80 8.18 -7.13 25.78
N ASN B 81 8.33 -6.13 26.63
CA ASN B 81 8.82 -4.85 26.14
C ASN B 81 10.34 -4.86 25.94
N ASP B 82 11.05 -5.79 26.59
CA ASP B 82 12.45 -5.99 26.26
C ASP B 82 12.65 -6.49 24.83
N LEU B 83 11.60 -6.96 24.16
CA LEU B 83 11.76 -7.38 22.77
C LEU B 83 12.09 -6.19 21.89
N LYS B 84 11.73 -4.99 22.32
CA LYS B 84 12.07 -3.80 21.58
C LYS B 84 13.56 -3.49 21.66
N ASN B 85 14.25 -4.04 22.65
CA ASN B 85 15.72 -3.97 22.73
C ASN B 85 16.40 -4.95 21.78
N ARG B 86 15.62 -5.66 20.96
CA ARG B 86 16.15 -6.59 19.98
C ARG B 86 15.66 -6.25 18.58
N ASN B 87 14.88 -5.20 18.43
CA ASN B 87 14.42 -4.75 17.13
C ASN B 87 14.01 -3.29 17.32
N SER B 88 14.87 -2.37 16.87
CA SER B 88 14.73 -0.95 17.12
C SER B 88 13.50 -0.35 16.47
N LYS B 89 12.85 -1.08 15.59
CA LYS B 89 11.65 -0.58 14.93
C LYS B 89 10.36 -1.07 15.59
N LEU B 90 10.46 -2.06 16.47
CA LEU B 90 9.28 -2.68 17.05
C LEU B 90 8.57 -1.74 17.99
N LYS B 91 7.23 -1.76 17.95
CA LYS B 91 6.40 -1.07 18.91
C LYS B 91 5.52 -2.11 19.61
N THR B 92 5.20 -1.84 20.88
CA THR B 92 4.33 -2.71 21.65
C THR B 92 3.11 -1.96 22.15
N LEU B 93 2.01 -2.68 22.23
CA LEU B 93 0.77 -2.17 22.78
C LEU B 93 0.24 -3.14 23.81
N LEU B 94 -0.56 -2.61 24.72
CA LEU B 94 -1.30 -3.39 25.69
C LEU B 94 -2.76 -3.36 25.30
N ALA B 95 -3.36 -4.53 25.13
CA ALA B 95 -4.78 -4.64 24.86
C ALA B 95 -5.58 -4.84 26.15
N ILE B 96 -6.73 -4.19 26.19
CA ILE B 96 -7.66 -4.34 27.31
C ILE B 96 -8.98 -4.86 26.80
N GLY B 97 -9.58 -5.78 27.56
CA GLY B 97 -10.85 -6.37 27.20
C GLY B 97 -10.72 -7.80 26.72
N GLY B 98 -11.21 -8.04 25.51
CA GLY B 98 -11.33 -9.37 24.96
C GLY B 98 -12.73 -9.94 25.16
N TRP B 99 -12.92 -11.12 24.60
CA TRP B 99 -14.21 -11.77 24.63
C TRP B 99 -14.69 -12.00 26.04
N ASN B 100 -13.88 -12.64 26.88
CA ASN B 100 -14.33 -13.05 28.20
C ASN B 100 -14.54 -11.87 29.14
N PHE B 101 -13.91 -10.73 28.87
CA PHE B 101 -14.06 -9.53 29.69
C PHE B 101 -15.49 -9.03 29.72
N GLY B 102 -16.25 -9.26 28.65
CA GLY B 102 -17.59 -8.75 28.59
C GLY B 102 -17.62 -7.26 28.32
N THR B 103 -18.72 -6.65 28.70
CA THR B 103 -18.95 -5.24 28.41
C THR B 103 -19.16 -4.35 29.62
N ALA B 104 -19.60 -4.90 30.76
CA ALA B 104 -20.07 -4.04 31.85
C ALA B 104 -19.00 -3.07 32.34
N PRO B 105 -17.75 -3.48 32.57
CA PRO B 105 -16.75 -2.48 32.99
C PRO B 105 -16.55 -1.36 31.99
N PHE B 106 -16.65 -1.64 30.69
CA PHE B 106 -16.51 -0.60 29.70
C PHE B 106 -17.69 0.35 29.73
N THR B 107 -18.91 -0.20 29.84
CA THR B 107 -20.11 0.64 29.91
C THR B 107 -20.01 1.63 31.06
N THR B 108 -19.58 1.16 32.23
CA THR B 108 -19.47 2.05 33.39
C THR B 108 -18.35 3.07 33.21
N MET B 109 -17.27 2.67 32.54
CA MET B 109 -16.13 3.55 32.42
C MET B 109 -16.37 4.68 31.43
N VAL B 110 -17.07 4.41 30.31
CA VAL B 110 -17.35 5.49 29.37
C VAL B 110 -18.59 6.31 29.72
N SER B 111 -19.31 5.93 30.78
CA SER B 111 -20.61 6.56 31.05
C SER B 111 -20.48 8.02 31.46
N THR B 112 -19.35 8.44 31.99
CA THR B 112 -19.20 9.81 32.46
C THR B 112 -17.79 10.31 32.10
N SER B 113 -17.69 11.62 31.91
N SER B 113 -17.68 11.63 31.91
CA SER B 113 -16.39 12.24 31.66
CA SER B 113 -16.37 12.21 31.64
C SER B 113 -15.41 11.92 32.77
C SER B 113 -15.39 11.94 32.78
N GLN B 114 -15.90 11.86 34.03
CA GLN B 114 -14.99 11.59 35.14
C GLN B 114 -14.39 10.20 35.05
N ASN B 115 -15.22 9.21 34.75
CA ASN B 115 -14.69 7.85 34.64
C ASN B 115 -13.77 7.69 33.44
N ARG B 116 -14.07 8.33 32.31
CA ARG B 116 -13.17 8.24 31.17
C ARG B 116 -11.81 8.82 31.52
N GLN B 117 -11.81 9.94 32.25
N GLN B 117 -11.80 9.94 32.24
CA GLN B 117 -10.55 10.59 32.60
CA GLN B 117 -10.54 10.59 32.59
C GLN B 117 -9.76 9.76 33.60
C GLN B 117 -9.75 9.76 33.60
N THR B 118 -10.45 9.10 34.52
CA THR B 118 -9.79 8.19 35.45
C THR B 118 -9.06 7.12 34.67
N PHE B 119 -9.74 6.58 33.68
CA PHE B 119 -9.20 5.49 32.91
C PHE B 119 -8.03 5.97 32.06
N ILE B 120 -8.24 7.05 31.31
CA ILE B 120 -7.19 7.58 30.46
C ILE B 120 -5.94 7.93 31.27
N THR B 121 -6.12 8.57 32.43
CA THR B 121 -4.94 8.90 33.24
C THR B 121 -4.25 7.63 33.71
N SER B 122 -5.02 6.62 34.10
CA SER B 122 -4.40 5.38 34.58
C SER B 122 -3.64 4.70 33.44
N VAL B 123 -4.14 4.82 32.21
CA VAL B 123 -3.51 4.15 31.07
C VAL B 123 -2.17 4.82 30.74
N ILE B 124 -2.11 6.15 30.76
CA ILE B 124 -0.85 6.84 30.49
C ILE B 124 0.21 6.41 31.51
N LYS B 125 -0.16 6.43 32.78
CA LYS B 125 0.79 6.04 33.83
C LYS B 125 1.24 4.59 33.67
N PHE B 126 0.29 3.70 33.36
CA PHE B 126 0.56 2.26 33.29
C PHE B 126 1.46 1.93 32.11
N LEU B 127 1.13 2.47 30.94
CA LEU B 127 1.95 2.20 29.77
C LEU B 127 3.35 2.76 29.93
N ARG B 128 3.49 3.96 30.48
CA ARG B 128 4.83 4.52 30.63
C ARG B 128 5.61 3.80 31.71
N GLN B 129 4.93 3.35 32.75
CA GLN B 129 5.60 2.62 33.83
C GLN B 129 6.15 1.31 33.32
N TYR B 130 5.35 0.55 32.56
CA TYR B 130 5.75 -0.80 32.21
C TYR B 130 6.35 -0.95 30.83
N GLY B 131 6.41 0.11 30.03
CA GLY B 131 7.19 0.12 28.81
C GLY B 131 6.43 -0.08 27.51
N PHE B 132 5.11 0.11 27.50
CA PHE B 132 4.30 -0.04 26.29
C PHE B 132 4.26 1.26 25.49
N ASP B 133 4.10 1.13 24.17
CA ASP B 133 3.97 2.25 23.25
C ASP B 133 2.53 2.64 22.92
N GLY B 134 1.54 1.95 23.46
CA GLY B 134 0.15 2.28 23.14
C GLY B 134 -0.83 1.32 23.77
N LEU B 135 -2.12 1.68 23.63
CA LEU B 135 -3.25 0.87 24.07
C LEU B 135 -4.09 0.37 22.90
N ASP B 136 -4.45 -0.91 22.93
CA ASP B 136 -5.39 -1.53 22.01
C ASP B 136 -6.71 -1.78 22.76
N LEU B 137 -7.77 -1.11 22.34
CA LEU B 137 -9.09 -1.27 22.94
C LEU B 137 -9.78 -2.47 22.29
N ASP B 138 -10.07 -3.50 23.09
N ASP B 138 -10.08 -3.50 23.09
CA ASP B 138 -10.75 -4.69 22.60
CA ASP B 138 -10.75 -4.69 22.59
C ASP B 138 -12.08 -4.90 23.32
C ASP B 138 -12.08 -4.91 23.31
N TRP B 139 -12.97 -3.92 23.19
CA TRP B 139 -14.29 -4.01 23.78
C TRP B 139 -15.15 -4.82 22.84
N GLU B 140 -15.62 -5.96 23.31
CA GLU B 140 -16.46 -6.86 22.51
C GLU B 140 -17.84 -6.91 23.14
N TYR B 141 -18.73 -6.00 22.73
CA TYR B 141 -18.57 -4.89 21.80
C TYR B 141 -19.48 -3.74 22.26
N PRO B 142 -19.15 -2.49 21.90
CA PRO B 142 -20.07 -1.39 22.21
C PRO B 142 -21.43 -1.68 21.58
N GLY B 143 -22.48 -1.48 22.36
CA GLY B 143 -23.83 -1.63 21.85
C GLY B 143 -24.36 -3.05 21.73
N SER B 144 -23.56 -4.06 22.09
CA SER B 144 -23.95 -5.47 22.05
C SER B 144 -23.50 -6.15 23.35
N ARG B 145 -23.91 -7.41 23.52
CA ARG B 145 -23.55 -8.22 24.67
C ARG B 145 -23.81 -7.50 25.99
N GLY B 146 -24.96 -6.84 26.09
CA GLY B 146 -25.38 -6.16 27.28
C GLY B 146 -25.08 -4.67 27.30
N SER B 147 -24.21 -4.19 26.42
CA SER B 147 -23.88 -2.76 26.39
C SER B 147 -25.04 -1.96 25.79
N PRO B 148 -25.47 -0.87 26.42
CA PRO B 148 -26.64 -0.14 25.91
C PRO B 148 -26.31 0.70 24.67
N PRO B 149 -27.35 1.14 23.94
CA PRO B 149 -27.12 1.85 22.67
C PRO B 149 -26.27 3.11 22.76
N GLN B 150 -26.28 3.82 23.88
CA GLN B 150 -25.49 5.03 23.96
C GLN B 150 -24.00 4.74 23.90
N ASP B 151 -23.59 3.48 24.08
N ASP B 151 -23.58 3.49 24.12
CA ASP B 151 -22.17 3.18 24.10
CA ASP B 151 -22.16 3.18 24.11
C ASP B 151 -21.55 3.26 22.72
C ASP B 151 -21.55 3.28 22.72
N LYS B 152 -22.37 3.25 21.67
CA LYS B 152 -21.85 3.46 20.33
C LYS B 152 -21.20 4.83 20.21
N HIS B 153 -21.89 5.88 20.66
CA HIS B 153 -21.31 7.21 20.61
C HIS B 153 -20.24 7.41 21.68
N LEU B 154 -20.48 6.89 22.88
CA LEU B 154 -19.52 7.12 23.96
C LEU B 154 -18.20 6.41 23.69
N PHE B 155 -18.20 5.37 22.86
CA PHE B 155 -16.93 4.79 22.47
C PHE B 155 -16.11 5.76 21.65
N THR B 156 -16.76 6.46 20.72
CA THR B 156 -16.09 7.49 19.95
C THR B 156 -15.50 8.57 20.87
N VAL B 157 -16.27 8.98 21.87
CA VAL B 157 -15.81 10.01 22.79
C VAL B 157 -14.59 9.55 23.57
N LEU B 158 -14.64 8.31 24.10
CA LEU B 158 -13.48 7.71 24.77
C LEU B 158 -12.24 7.79 23.89
N VAL B 159 -12.38 7.33 22.64
CA VAL B 159 -11.23 7.26 21.75
C VAL B 159 -10.68 8.65 21.46
N LYS B 160 -11.57 9.60 21.19
CA LYS B 160 -11.16 10.98 20.92
C LYS B 160 -10.39 11.56 22.11
N GLU B 161 -10.94 11.37 23.31
CA GLU B 161 -10.32 11.93 24.50
C GLU B 161 -8.99 11.25 24.79
N MET B 162 -8.91 9.96 24.53
N MET B 162 -8.91 9.94 24.53
CA MET B 162 -7.64 9.27 24.71
CA MET B 162 -7.66 9.23 24.69
C MET B 162 -6.63 9.78 23.69
C MET B 162 -6.63 9.74 23.70
N ARG B 163 -7.03 9.90 22.44
CA ARG B 163 -6.11 10.39 21.42
C ARG B 163 -5.59 11.77 21.80
N GLU B 164 -6.47 12.62 22.32
CA GLU B 164 -6.06 13.96 22.69
C GLU B 164 -5.12 13.94 23.88
N ALA B 165 -5.41 13.07 24.85
CA ALA B 165 -4.55 13.00 26.03
C ALA B 165 -3.17 12.48 25.66
N PHE B 166 -3.10 11.50 24.77
CA PHE B 166 -1.82 10.97 24.32
C PHE B 166 -1.02 12.04 23.56
N GLU B 167 -1.70 12.84 22.74
N GLU B 167 -1.70 12.85 22.75
CA GLU B 167 -1.01 13.90 22.02
CA GLU B 167 -0.99 13.88 22.01
C GLU B 167 -0.32 14.86 22.98
C GLU B 167 -0.33 14.87 22.97
N GLN B 168 -1.05 15.29 24.02
CA GLN B 168 -0.47 16.27 24.94
C GLN B 168 0.66 15.66 25.75
N GLU B 169 0.52 14.40 26.17
CA GLU B 169 1.61 13.78 26.94
C GLU B 169 2.89 13.74 26.12
N ALA B 170 2.77 13.49 24.81
CA ALA B 170 3.97 13.39 23.98
C ALA B 170 4.71 14.72 23.94
N ILE B 171 3.97 15.82 23.78
CA ILE B 171 4.59 17.14 23.81
C ILE B 171 5.31 17.37 25.14
N GLU B 172 4.65 17.06 26.26
CA GLU B 172 5.25 17.35 27.56
C GLU B 172 6.41 16.45 27.90
N SER B 173 6.47 15.23 27.38
CA SER B 173 7.50 14.28 27.76
C SER B 173 8.64 14.18 26.74
N ASN B 174 8.53 14.86 25.60
CA ASN B 174 9.52 14.79 24.53
C ASN B 174 9.77 13.37 24.05
N ARG B 175 8.75 12.52 24.07
CA ARG B 175 8.79 11.15 23.60
C ARG B 175 7.73 10.96 22.53
N PRO B 176 7.87 9.94 21.69
CA PRO B 176 6.84 9.69 20.67
C PRO B 176 5.49 9.38 21.30
N ARG B 177 4.43 9.87 20.67
CA ARG B 177 3.09 9.75 21.20
C ARG B 177 2.69 8.29 21.38
N LEU B 178 2.01 8.02 22.48
CA LEU B 178 1.36 6.72 22.67
C LEU B 178 0.31 6.50 21.59
N MET B 179 0.23 5.28 21.09
CA MET B 179 -0.75 4.93 20.06
C MET B 179 -2.06 4.50 20.71
N VAL B 180 -3.15 4.70 20.00
CA VAL B 180 -4.44 4.14 20.40
C VAL B 180 -5.02 3.41 19.21
N THR B 181 -5.26 2.12 19.37
CA THR B 181 -5.82 1.26 18.34
C THR B 181 -7.03 0.55 18.93
N ALA B 182 -7.80 -0.12 18.07
CA ALA B 182 -8.95 -0.87 18.54
C ALA B 182 -9.16 -2.09 17.66
N ALA B 183 -9.44 -3.20 18.31
CA ALA B 183 -9.95 -4.41 17.65
C ALA B 183 -11.46 -4.29 17.56
N VAL B 184 -12.01 -4.55 16.37
CA VAL B 184 -13.41 -4.25 16.08
C VAL B 184 -14.08 -5.44 15.41
N ALA B 185 -15.39 -5.46 15.57
CA ALA B 185 -16.23 -6.58 15.14
C ALA B 185 -16.11 -6.84 13.64
N GLY B 186 -16.23 -8.12 13.30
CA GLY B 186 -16.34 -8.51 11.91
C GLY B 186 -17.76 -8.86 11.49
N GLY B 187 -18.70 -8.98 12.43
CA GLY B 187 -20.08 -9.33 12.09
C GLY B 187 -20.91 -8.07 11.93
N ILE B 188 -21.74 -8.05 10.87
CA ILE B 188 -22.33 -6.78 10.45
C ILE B 188 -23.26 -6.21 11.51
N SER B 189 -24.07 -7.05 12.15
N SER B 189 -24.09 -7.05 12.14
CA SER B 189 -24.98 -6.54 13.16
CA SER B 189 -24.99 -6.55 13.18
C SER B 189 -24.23 -5.89 14.31
C SER B 189 -24.21 -5.89 14.30
N ASN B 190 -23.12 -6.50 14.73
CA ASN B 190 -22.29 -5.87 15.76
C ASN B 190 -21.65 -4.58 15.28
N ILE B 191 -21.21 -4.53 14.01
CA ILE B 191 -20.60 -3.31 13.49
C ILE B 191 -21.60 -2.17 13.49
N GLN B 192 -22.82 -2.44 13.04
CA GLN B 192 -23.83 -1.40 12.94
C GLN B 192 -24.25 -0.88 14.31
N ALA B 193 -24.25 -1.74 15.32
CA ALA B 193 -24.68 -1.32 16.65
C ALA B 193 -23.57 -0.64 17.43
N GLY B 194 -22.32 -0.81 17.03
CA GLY B 194 -21.21 -0.46 17.89
C GLY B 194 -20.36 0.71 17.50
N TYR B 195 -20.25 1.06 16.22
CA TYR B 195 -19.20 1.97 15.78
C TYR B 195 -19.69 3.10 14.90
N GLU B 196 -19.29 4.31 15.28
CA GLU B 196 -19.42 5.50 14.43
C GLU B 196 -18.16 5.54 13.57
N ILE B 197 -18.23 4.91 12.40
CA ILE B 197 -17.01 4.54 11.69
C ILE B 197 -16.27 5.78 11.21
N PRO B 198 -16.92 6.77 10.60
CA PRO B 198 -16.17 7.94 10.14
C PRO B 198 -15.46 8.69 11.26
N GLU B 199 -16.17 9.02 12.34
N GLU B 199 -16.18 9.01 12.33
CA GLU B 199 -15.50 9.79 13.39
CA GLU B 199 -15.58 9.76 13.42
C GLU B 199 -14.49 8.95 14.15
C GLU B 199 -14.50 8.93 14.11
N LEU B 200 -14.81 7.68 14.41
CA LEU B 200 -13.83 6.80 15.05
C LEU B 200 -12.54 6.72 14.23
N SER B 201 -12.67 6.59 12.90
N SER B 201 -12.67 6.60 12.91
CA SER B 201 -11.48 6.44 12.06
CA SER B 201 -11.48 6.49 12.06
C SER B 201 -10.54 7.62 12.19
C SER B 201 -10.63 7.74 12.04
N LYS B 202 -11.07 8.81 12.49
N LYS B 202 -11.14 8.86 12.56
CA LYS B 202 -10.22 9.99 12.55
CA LYS B 202 -10.33 10.08 12.62
C LYS B 202 -9.23 9.91 13.71
C LYS B 202 -9.32 10.05 13.77
N TYR B 203 -9.61 9.29 14.82
CA TYR B 203 -8.82 9.32 16.05
C TYR B 203 -8.03 8.05 16.31
N LEU B 204 -8.48 6.90 15.81
CA LEU B 204 -7.69 5.69 15.94
C LEU B 204 -6.46 5.72 15.05
N ASP B 205 -5.35 5.18 15.56
CA ASP B 205 -4.18 4.98 14.72
C ASP B 205 -4.39 3.83 13.74
N PHE B 206 -4.92 2.70 14.22
CA PHE B 206 -5.25 1.56 13.38
C PHE B 206 -6.55 0.92 13.86
N ILE B 207 -7.22 0.27 12.91
CA ILE B 207 -8.48 -0.43 13.13
C ILE B 207 -8.21 -1.91 12.82
N HIS B 208 -8.17 -2.74 13.87
CA HIS B 208 -7.86 -4.18 13.72
C HIS B 208 -9.16 -4.94 13.56
N VAL B 209 -9.53 -5.23 12.31
CA VAL B 209 -10.80 -5.85 12.01
C VAL B 209 -10.69 -7.34 12.23
N MET B 210 -11.52 -7.86 13.14
CA MET B 210 -11.52 -9.28 13.49
C MET B 210 -12.27 -10.10 12.44
N THR B 211 -11.61 -10.23 11.28
CA THR B 211 -12.12 -11.01 10.15
C THR B 211 -11.85 -12.50 10.36
N TYR B 212 -12.39 -13.01 11.46
CA TYR B 212 -12.28 -14.42 11.81
C TYR B 212 -13.45 -14.76 12.74
N ASP B 213 -13.50 -16.01 13.20
CA ASP B 213 -14.71 -16.55 13.82
C ASP B 213 -15.96 -16.24 12.98
N LEU B 214 -15.81 -16.24 11.66
CA LEU B 214 -16.97 -15.93 10.83
C LEU B 214 -17.93 -17.09 10.72
N HIS B 215 -17.45 -18.31 10.96
CA HIS B 215 -18.24 -19.52 11.08
C HIS B 215 -17.71 -20.31 12.26
N GLY B 216 -18.56 -21.14 12.81
CA GLY B 216 -18.19 -21.99 13.93
C GLY B 216 -19.34 -22.88 14.33
N SER B 217 -19.05 -23.83 15.23
N SER B 217 -19.06 -23.83 15.23
CA SER B 217 -20.04 -24.83 15.61
CA SER B 217 -20.06 -24.83 15.60
C SER B 217 -21.33 -24.21 16.15
C SER B 217 -21.32 -24.22 16.17
N TRP B 218 -21.27 -22.96 16.62
CA TRP B 218 -22.49 -22.30 17.09
C TRP B 218 -23.59 -22.30 16.03
N GLU B 219 -23.22 -22.35 14.75
CA GLU B 219 -24.18 -22.27 13.66
C GLU B 219 -24.92 -23.58 13.42
N GLY B 220 -24.36 -24.71 13.81
CA GLY B 220 -24.98 -26.00 13.58
C GLY B 220 -24.60 -26.64 12.26
N TYR B 221 -23.66 -26.07 11.53
CA TYR B 221 -23.15 -26.66 10.29
C TYR B 221 -21.72 -26.20 10.06
N THR B 222 -20.99 -26.90 9.21
CA THR B 222 -19.60 -26.55 8.99
C THR B 222 -19.46 -25.25 8.20
N GLY B 223 -18.36 -24.55 8.46
CA GLY B 223 -18.01 -23.37 7.69
C GLY B 223 -16.59 -22.95 8.04
N GLU B 224 -16.03 -22.10 7.18
CA GLU B 224 -14.65 -21.67 7.30
C GLU B 224 -14.49 -20.54 8.31
N ASN B 225 -13.36 -20.55 9.00
CA ASN B 225 -13.12 -19.56 10.05
C ASN B 225 -12.93 -18.17 9.44
N SER B 226 -12.19 -18.07 8.35
CA SER B 226 -11.89 -16.78 7.74
C SER B 226 -11.79 -16.93 6.22
N PRO B 227 -12.91 -17.27 5.56
CA PRO B 227 -12.89 -17.39 4.10
C PRO B 227 -12.74 -16.02 3.46
N LEU B 228 -12.01 -15.97 2.35
CA LEU B 228 -11.79 -14.69 1.69
C LEU B 228 -13.04 -14.23 0.96
N TYR B 229 -13.75 -15.14 0.35
CA TYR B 229 -14.91 -14.83 -0.48
C TYR B 229 -16.10 -15.66 -0.03
N LYS B 230 -17.28 -15.27 -0.52
N LYS B 230 -17.27 -15.28 -0.51
CA LYS B 230 -18.47 -16.04 -0.18
CA LYS B 230 -18.46 -16.03 -0.15
C LYS B 230 -18.44 -17.41 -0.84
C LYS B 230 -18.50 -17.36 -0.90
N TYR B 231 -19.20 -18.32 -0.28
N TYR B 231 -19.12 -18.34 -0.28
CA TYR B 231 -19.44 -19.60 -0.91
CA TYR B 231 -19.38 -19.60 -0.95
C TYR B 231 -20.47 -19.42 -2.03
C TYR B 231 -20.42 -19.38 -2.06
N PRO B 232 -20.31 -20.09 -3.18
CA PRO B 232 -21.20 -19.80 -4.32
C PRO B 232 -22.68 -19.82 -3.98
N THR B 233 -23.12 -20.72 -3.09
CA THR B 233 -24.54 -20.86 -2.79
C THR B 233 -25.08 -19.71 -1.95
N GLU B 234 -24.22 -18.94 -1.28
CA GLU B 234 -24.67 -17.97 -0.28
C GLU B 234 -25.30 -16.75 -0.95
N THR B 235 -26.43 -16.31 -0.42
CA THR B 235 -27.15 -15.16 -0.97
C THR B 235 -27.76 -14.23 0.06
N GLY B 236 -27.83 -14.62 1.32
CA GLY B 236 -28.51 -13.81 2.33
C GLY B 236 -27.53 -13.10 3.23
N SER B 237 -27.86 -13.07 4.51
CA SER B 237 -26.89 -12.55 5.47
C SER B 237 -25.69 -13.49 5.58
N ASN B 238 -25.84 -14.75 5.13
CA ASN B 238 -24.69 -15.62 5.07
C ASN B 238 -23.63 -15.10 4.11
N ALA B 239 -24.03 -14.26 3.15
CA ALA B 239 -23.07 -13.67 2.22
C ALA B 239 -22.20 -12.59 2.87
N TYR B 240 -22.44 -12.21 4.14
CA TYR B 240 -21.60 -11.23 4.80
C TYR B 240 -20.35 -11.85 5.43
N LEU B 241 -20.33 -13.16 5.54
CA LEU B 241 -19.38 -13.88 6.40
C LEU B 241 -18.13 -14.27 5.62
N ASN B 242 -17.43 -13.25 5.14
CA ASN B 242 -16.17 -13.45 4.43
C ASN B 242 -15.36 -12.17 4.54
N VAL B 243 -14.03 -12.32 4.43
CA VAL B 243 -13.10 -11.22 4.61
C VAL B 243 -13.37 -10.10 3.63
N ASP B 244 -13.59 -10.46 2.36
CA ASP B 244 -13.84 -9.45 1.34
C ASP B 244 -15.01 -8.55 1.74
N TYR B 245 -16.15 -9.14 2.10
CA TYR B 245 -17.30 -8.34 2.45
C TYR B 245 -17.02 -7.46 3.67
N VAL B 246 -16.42 -8.04 4.72
CA VAL B 246 -16.27 -7.29 5.98
C VAL B 246 -15.31 -6.11 5.82
N MET B 247 -14.17 -6.32 5.16
CA MET B 247 -13.23 -5.23 4.99
C MET B 247 -13.82 -4.14 4.12
N ASN B 248 -14.54 -4.52 3.08
CA ASN B 248 -15.15 -3.54 2.21
C ASN B 248 -16.33 -2.85 2.89
N TYR B 249 -17.00 -3.53 3.83
CA TYR B 249 -18.01 -2.83 4.64
C TYR B 249 -17.37 -1.69 5.40
N TRP B 250 -16.28 -1.98 6.10
CA TRP B 250 -15.60 -0.96 6.90
C TRP B 250 -15.12 0.18 6.00
N LYS B 251 -14.48 -0.17 4.88
CA LYS B 251 -13.91 0.84 4.01
C LYS B 251 -14.99 1.73 3.42
N ASN B 252 -16.08 1.13 2.95
CA ASN B 252 -17.12 1.87 2.25
C ASN B 252 -18.06 2.59 3.19
N ASN B 253 -17.92 2.39 4.49
CA ASN B 253 -18.73 3.13 5.46
C ASN B 253 -17.88 4.10 6.28
N GLY B 254 -16.70 4.46 5.77
CA GLY B 254 -16.00 5.65 6.25
C GLY B 254 -14.60 5.42 6.77
N ALA B 255 -14.10 4.21 6.81
CA ALA B 255 -12.75 3.99 7.33
C ALA B 255 -11.73 4.03 6.21
N PRO B 256 -10.63 4.77 6.36
CA PRO B 256 -9.60 4.80 5.32
C PRO B 256 -8.86 3.48 5.22
N ALA B 257 -8.59 3.06 4.00
CA ALA B 257 -8.00 1.74 3.81
C ALA B 257 -6.64 1.64 4.50
N GLU B 258 -5.89 2.73 4.53
CA GLU B 258 -4.55 2.63 5.12
C GLU B 258 -4.57 2.44 6.62
N LYS B 259 -5.69 2.71 7.30
CA LYS B 259 -5.81 2.43 8.73
C LYS B 259 -6.44 1.09 9.02
N LEU B 260 -6.97 0.43 8.01
CA LEU B 260 -7.69 -0.83 8.18
C LEU B 260 -6.69 -1.97 8.15
N ILE B 261 -6.72 -2.79 9.18
CA ILE B 261 -5.85 -3.96 9.29
C ILE B 261 -6.71 -5.21 9.24
N VAL B 262 -6.29 -6.17 8.40
CA VAL B 262 -7.00 -7.42 8.17
C VAL B 262 -6.62 -8.46 9.20
N GLY B 263 -7.61 -9.08 9.82
CA GLY B 263 -7.35 -10.10 10.82
C GLY B 263 -7.09 -11.47 10.22
N PHE B 264 -6.03 -12.11 10.69
CA PHE B 264 -5.56 -13.42 10.19
C PHE B 264 -5.54 -14.38 11.38
N PRO B 265 -6.29 -15.47 11.35
CA PRO B 265 -6.27 -16.38 12.50
C PRO B 265 -5.23 -17.46 12.35
N GLU B 266 -4.44 -17.71 13.39
CA GLU B 266 -3.47 -18.79 13.37
C GLU B 266 -3.98 -20.01 14.15
N TYR B 267 -5.28 -20.27 13.95
CA TYR B 267 -6.04 -21.32 14.60
C TYR B 267 -7.19 -21.64 13.66
N GLY B 268 -7.86 -22.77 13.89
CA GLY B 268 -9.06 -23.11 13.16
C GLY B 268 -10.15 -23.55 14.13
N HIS B 269 -11.38 -23.63 13.61
CA HIS B 269 -12.52 -24.06 14.40
C HIS B 269 -12.87 -25.52 14.09
N THR B 270 -13.26 -26.23 15.13
CA THR B 270 -13.56 -27.66 15.05
C THR B 270 -15.05 -27.89 15.24
N PHE B 271 -15.52 -28.97 14.62
CA PHE B 271 -16.92 -29.36 14.62
C PHE B 271 -17.01 -30.89 14.67
N ILE B 272 -18.12 -31.39 15.20
CA ILE B 272 -18.46 -32.81 15.10
C ILE B 272 -19.54 -32.95 14.03
N LEU B 273 -19.25 -33.74 13.01
CA LEU B 273 -20.19 -34.01 11.93
C LEU B 273 -21.29 -34.96 12.37
N ARG B 274 -22.54 -34.66 11.98
CA ARG B 274 -23.64 -35.56 12.28
C ARG B 274 -23.61 -36.80 11.42
N ASN B 275 -23.18 -36.66 10.17
CA ASN B 275 -23.06 -37.79 9.24
C ASN B 275 -21.69 -37.70 8.58
N PRO B 276 -20.70 -38.44 9.08
CA PRO B 276 -19.32 -38.30 8.57
C PRO B 276 -19.19 -38.34 7.05
N SER B 277 -20.06 -39.04 6.33
CA SER B 277 -19.98 -39.02 4.88
C SER B 277 -20.38 -37.67 4.30
N ASP B 278 -21.13 -36.88 5.06
CA ASP B 278 -21.58 -35.53 4.66
C ASP B 278 -20.59 -34.57 5.30
N ASN B 279 -19.52 -34.21 4.55
CA ASN B 279 -18.36 -33.58 5.17
C ASN B 279 -17.81 -32.41 4.36
N GLY B 280 -18.65 -31.76 3.56
CA GLY B 280 -18.28 -30.53 2.86
C GLY B 280 -18.62 -29.29 3.65
N ILE B 281 -18.62 -28.15 2.96
CA ILE B 281 -19.05 -26.88 3.53
C ILE B 281 -20.55 -26.90 3.74
N GLY B 282 -20.98 -26.44 4.92
CA GLY B 282 -22.39 -26.43 5.24
C GLY B 282 -22.94 -27.76 5.68
N ALA B 283 -22.07 -28.72 6.02
CA ALA B 283 -22.57 -30.02 6.45
C ALA B 283 -23.07 -29.94 7.88
N PRO B 284 -24.07 -30.74 8.25
CA PRO B 284 -24.68 -30.59 9.59
C PRO B 284 -23.74 -31.07 10.68
N THR B 285 -23.76 -30.37 11.82
CA THR B 285 -22.88 -30.68 12.95
C THR B 285 -23.70 -30.71 14.24
N SER B 286 -23.06 -31.20 15.30
CA SER B 286 -23.71 -31.36 16.61
C SER B 286 -22.93 -30.70 17.75
N GLY B 287 -21.94 -29.88 17.46
CA GLY B 287 -21.27 -29.11 18.50
C GLY B 287 -19.81 -28.92 18.15
N ASP B 288 -19.09 -28.35 19.13
CA ASP B 288 -17.66 -28.15 19.01
C ASP B 288 -16.95 -29.48 18.91
N GLY B 289 -15.77 -29.47 18.26
CA GLY B 289 -14.86 -30.56 18.34
C GLY B 289 -14.19 -30.61 19.70
N PRO B 290 -13.40 -31.64 19.90
CA PRO B 290 -12.73 -31.82 21.19
C PRO B 290 -11.59 -30.85 21.36
N ALA B 291 -11.30 -30.51 22.60
CA ALA B 291 -10.20 -29.62 22.88
C ALA B 291 -8.88 -30.24 22.42
N GLY B 292 -8.01 -29.40 21.88
CA GLY B 292 -6.66 -29.82 21.57
C GLY B 292 -5.89 -30.10 22.83
N PRO B 293 -4.80 -30.87 22.71
CA PRO B 293 -4.06 -31.28 23.92
C PRO B 293 -3.30 -30.15 24.60
N TYR B 294 -2.96 -29.08 23.87
CA TYR B 294 -2.23 -27.94 24.42
C TYR B 294 -3.15 -26.76 24.72
N THR B 295 -4.04 -26.43 23.80
CA THR B 295 -4.89 -25.24 24.01
C THR B 295 -6.10 -25.54 24.89
N ARG B 296 -6.56 -26.78 24.91
CA ARG B 296 -7.50 -27.30 25.91
C ARG B 296 -8.80 -26.48 25.99
N GLN B 297 -9.35 -26.17 24.83
CA GLN B 297 -10.64 -25.50 24.72
C GLN B 297 -11.41 -26.07 23.55
N ALA B 298 -12.58 -26.64 23.83
CA ALA B 298 -13.37 -27.25 22.77
C ALA B 298 -13.76 -26.21 21.73
N GLY B 299 -13.64 -26.59 20.46
CA GLY B 299 -14.08 -25.76 19.36
C GLY B 299 -12.95 -25.11 18.58
N PHE B 300 -11.73 -25.10 19.10
CA PHE B 300 -10.64 -24.54 18.33
C PHE B 300 -9.35 -25.33 18.56
N TRP B 301 -8.49 -25.28 17.55
CA TRP B 301 -7.16 -25.88 17.54
C TRP B 301 -6.16 -24.83 17.06
N ALA B 302 -5.02 -24.74 17.75
CA ALA B 302 -3.88 -23.95 17.28
C ALA B 302 -3.33 -24.55 15.99
N TYR B 303 -2.67 -23.72 15.18
CA TYR B 303 -2.10 -24.23 13.93
C TYR B 303 -1.17 -25.40 14.19
N TYR B 304 -0.38 -25.37 15.27
CA TYR B 304 0.50 -26.51 15.51
C TYR B 304 -0.30 -27.76 15.87
N GLU B 305 -1.41 -27.62 16.58
CA GLU B 305 -2.30 -28.75 16.84
C GLU B 305 -2.96 -29.23 15.54
N ILE B 306 -3.28 -28.29 14.64
CA ILE B 306 -3.81 -28.68 13.33
C ILE B 306 -2.80 -29.55 12.58
N CYS B 307 -1.51 -29.22 12.69
CA CYS B 307 -0.54 -29.99 11.92
C CYS B 307 -0.50 -31.42 12.41
N THR B 308 -0.59 -31.63 13.73
CA THR B 308 -0.71 -32.98 14.27
C THR B 308 -1.95 -33.70 13.74
N PHE B 309 -3.08 -33.00 13.68
CA PHE B 309 -4.31 -33.57 13.12
C PHE B 309 -4.12 -34.02 11.68
N LEU B 310 -3.43 -33.21 10.89
CA LEU B 310 -3.22 -33.56 9.50
C LEU B 310 -2.32 -34.77 9.34
N ARG B 311 -1.51 -35.07 10.34
CA ARG B 311 -0.66 -36.24 10.35
C ARG B 311 -1.28 -37.43 11.07
N SER B 312 -2.54 -37.31 11.50
CA SER B 312 -3.23 -38.37 12.23
C SER B 312 -4.29 -39.06 11.39
N GLY B 313 -4.23 -38.91 10.08
CA GLY B 313 -5.16 -39.57 9.20
C GLY B 313 -6.29 -38.71 8.66
N ALA B 314 -6.18 -37.38 8.75
CA ALA B 314 -7.19 -36.50 8.19
C ALA B 314 -7.04 -36.33 6.68
N THR B 315 -8.16 -36.04 6.04
CA THR B 315 -8.19 -35.69 4.64
C THR B 315 -8.26 -34.17 4.50
N GLU B 316 -7.35 -33.61 3.70
N GLU B 316 -7.37 -33.60 3.69
CA GLU B 316 -7.31 -32.20 3.40
CA GLU B 316 -7.33 -32.17 3.45
C GLU B 316 -8.10 -31.90 2.13
C GLU B 316 -7.99 -31.83 2.12
N VAL B 317 -8.82 -30.79 2.13
CA VAL B 317 -9.55 -30.33 0.96
C VAL B 317 -9.30 -28.84 0.79
N TRP B 318 -9.16 -28.39 -0.45
CA TRP B 318 -9.08 -26.96 -0.74
C TRP B 318 -10.46 -26.43 -1.12
N ASP B 319 -10.93 -25.44 -0.38
CA ASP B 319 -12.22 -24.79 -0.63
C ASP B 319 -11.93 -23.69 -1.64
N ALA B 320 -12.10 -24.04 -2.92
CA ALA B 320 -11.54 -23.22 -3.99
C ALA B 320 -12.24 -21.86 -4.09
N SER B 321 -13.53 -21.82 -3.84
CA SER B 321 -14.25 -20.56 -3.96
C SER B 321 -13.84 -19.57 -2.87
N GLN B 322 -13.46 -20.06 -1.71
CA GLN B 322 -13.20 -19.20 -0.56
C GLN B 322 -11.71 -19.06 -0.23
N GLU B 323 -10.84 -19.79 -0.91
CA GLU B 323 -9.39 -19.66 -0.82
C GLU B 323 -8.87 -20.09 0.54
N VAL B 324 -9.49 -21.11 1.12
CA VAL B 324 -9.05 -21.60 2.43
C VAL B 324 -9.18 -23.12 2.46
N PRO B 325 -8.40 -23.77 3.33
CA PRO B 325 -8.49 -25.23 3.45
C PRO B 325 -9.50 -25.67 4.50
N TYR B 326 -9.91 -26.91 4.39
CA TYR B 326 -10.59 -27.59 5.48
C TYR B 326 -10.11 -29.03 5.49
N ALA B 327 -10.37 -29.70 6.60
CA ALA B 327 -9.92 -31.08 6.77
C ALA B 327 -10.90 -31.83 7.66
N TYR B 328 -10.97 -33.14 7.46
CA TYR B 328 -11.86 -33.96 8.28
C TYR B 328 -11.20 -35.31 8.55
N LYS B 329 -11.51 -35.85 9.71
CA LYS B 329 -11.15 -37.24 10.02
C LYS B 329 -12.35 -37.86 10.72
N ALA B 330 -12.98 -38.84 10.08
CA ALA B 330 -14.20 -39.43 10.60
C ALA B 330 -15.23 -38.34 10.92
N ASN B 331 -15.62 -38.17 12.20
CA ASN B 331 -16.64 -37.19 12.55
C ASN B 331 -16.07 -35.84 12.97
N GLU B 332 -14.78 -35.59 12.78
N GLU B 332 -14.77 -35.64 12.81
CA GLU B 332 -14.15 -34.33 13.15
CA GLU B 332 -14.11 -34.36 13.08
C GLU B 332 -13.85 -33.50 11.90
C GLU B 332 -14.03 -33.55 11.80
N TRP B 333 -14.33 -32.26 11.90
CA TRP B 333 -14.22 -31.35 10.77
C TRP B 333 -13.57 -30.05 11.24
N LEU B 334 -12.71 -29.50 10.40
CA LEU B 334 -11.85 -28.39 10.78
C LEU B 334 -11.84 -27.36 9.67
N GLY B 335 -12.21 -26.11 9.99
CA GLY B 335 -12.08 -25.01 9.05
C GLY B 335 -10.93 -24.15 9.52
N TYR B 336 -9.92 -23.91 8.69
CA TYR B 336 -8.69 -23.31 9.18
C TYR B 336 -7.97 -22.54 8.09
N ASP B 337 -6.75 -22.14 8.40
CA ASP B 337 -5.89 -21.38 7.49
C ASP B 337 -4.51 -22.00 7.48
N ASN B 338 -3.88 -21.97 6.31
CA ASN B 338 -2.53 -22.48 6.19
C ASN B 338 -1.65 -21.50 5.43
N ILE B 339 -0.43 -21.93 5.07
CA ILE B 339 0.46 -21.03 4.36
C ILE B 339 -0.17 -20.57 3.06
N LYS B 340 -0.83 -21.48 2.33
CA LYS B 340 -1.42 -21.12 1.05
C LYS B 340 -2.51 -20.06 1.22
N SER B 341 -3.44 -20.28 2.18
CA SER B 341 -4.52 -19.31 2.38
C SER B 341 -3.98 -17.98 2.89
N PHE B 342 -3.01 -18.03 3.79
CA PHE B 342 -2.40 -16.78 4.24
C PHE B 342 -1.77 -16.04 3.06
N SER B 343 -1.14 -16.78 2.15
CA SER B 343 -0.48 -16.11 1.04
C SER B 343 -1.49 -15.49 0.10
N VAL B 344 -2.62 -16.18 -0.16
CA VAL B 344 -3.64 -15.63 -1.05
C VAL B 344 -4.26 -14.38 -0.44
N LYS B 345 -4.58 -14.44 0.85
CA LYS B 345 -5.19 -13.29 1.51
C LYS B 345 -4.21 -12.13 1.64
N ALA B 346 -2.93 -12.41 1.82
CA ALA B 346 -1.94 -11.33 1.81
C ALA B 346 -1.89 -10.63 0.45
N GLN B 347 -1.88 -11.39 -0.66
CA GLN B 347 -1.89 -10.76 -1.97
C GLN B 347 -3.10 -9.86 -2.12
N TRP B 348 -4.25 -10.36 -1.66
CA TRP B 348 -5.49 -9.60 -1.76
C TRP B 348 -5.41 -8.33 -0.92
N LEU B 349 -4.94 -8.41 0.32
CA LEU B 349 -4.94 -7.18 1.12
C LEU B 349 -4.01 -6.14 0.54
N LYS B 350 -2.90 -6.55 -0.06
CA LYS B 350 -1.98 -5.59 -0.69
C LYS B 350 -2.63 -4.92 -1.89
N GLN B 351 -3.32 -5.70 -2.73
CA GLN B 351 -3.96 -5.12 -3.89
C GLN B 351 -5.01 -4.08 -3.50
N ASN B 352 -5.61 -4.21 -2.31
CA ASN B 352 -6.63 -3.30 -1.85
C ASN B 352 -6.09 -2.14 -1.03
N ASN B 353 -4.77 -2.00 -0.90
CA ASN B 353 -4.13 -0.87 -0.21
C ASN B 353 -4.47 -0.81 1.28
N PHE B 354 -4.82 -1.94 1.89
CA PHE B 354 -5.06 -1.91 3.33
C PHE B 354 -3.73 -1.70 4.07
N GLY B 355 -3.83 -1.40 5.38
CA GLY B 355 -2.67 -1.05 6.15
C GLY B 355 -1.78 -2.20 6.52
N GLY B 356 -2.26 -3.42 6.40
CA GLY B 356 -1.49 -4.58 6.77
C GLY B 356 -2.38 -5.66 7.36
N ALA B 357 -1.77 -6.50 8.17
CA ALA B 357 -2.45 -7.64 8.74
C ALA B 357 -2.19 -7.67 10.24
N MET B 358 -3.12 -8.27 10.96
N MET B 358 -3.10 -8.29 10.96
CA MET B 358 -2.95 -8.57 12.37
CA MET B 358 -2.87 -8.70 12.33
C MET B 358 -3.23 -10.04 12.59
C MET B 358 -2.99 -10.23 12.40
N ILE B 359 -2.48 -10.63 13.52
N ILE B 359 -2.38 -10.83 13.41
CA ILE B 359 -2.49 -12.06 13.77
CA ILE B 359 -2.52 -12.26 13.63
C ILE B 359 -3.10 -12.34 15.14
C ILE B 359 -2.99 -12.51 15.06
N TRP B 360 -4.11 -13.21 15.19
CA TRP B 360 -4.55 -13.81 16.44
C TRP B 360 -4.25 -15.31 16.38
N ALA B 361 -3.24 -15.77 17.11
CA ALA B 361 -2.25 -15.08 17.96
C ALA B 361 -0.90 -15.79 17.76
N ILE B 362 0.20 -15.08 17.98
CA ILE B 362 1.50 -15.66 17.62
C ILE B 362 1.82 -16.92 18.42
N ASP B 363 1.22 -17.11 19.59
CA ASP B 363 1.48 -18.29 20.40
C ASP B 363 0.73 -19.52 19.89
N LEU B 364 -0.10 -19.33 18.87
CA LEU B 364 -0.81 -20.41 18.20
C LEU B 364 -0.12 -20.88 16.92
N ASP B 365 0.87 -20.13 16.43
CA ASP B 365 1.70 -20.53 15.30
C ASP B 365 2.57 -21.70 15.75
N ASP B 366 3.19 -22.39 14.79
CA ASP B 366 4.17 -23.43 15.14
C ASP B 366 5.50 -22.76 15.52
N PHE B 367 5.53 -22.19 16.73
CA PHE B 367 6.67 -21.34 17.09
C PHE B 367 7.92 -22.16 17.32
N THR B 368 7.80 -23.41 17.79
CA THR B 368 8.97 -24.27 17.95
C THR B 368 9.43 -24.86 16.62
N GLY B 369 8.56 -24.88 15.62
CA GLY B 369 8.84 -25.54 14.36
C GLY B 369 8.74 -27.05 14.43
N SER B 370 8.32 -27.60 15.56
CA SER B 370 8.40 -29.04 15.78
C SER B 370 7.13 -29.79 15.39
N PHE B 371 6.09 -29.10 14.91
CA PHE B 371 4.82 -29.74 14.64
C PHE B 371 4.47 -29.79 13.16
N CYS B 372 4.89 -28.80 12.37
CA CYS B 372 4.40 -28.62 11.02
C CYS B 372 5.44 -28.86 9.93
N ASP B 373 6.71 -29.00 10.29
CA ASP B 373 7.81 -29.14 9.33
C ASP B 373 7.80 -28.02 8.29
N GLN B 374 7.51 -26.80 8.74
CA GLN B 374 7.50 -25.63 7.88
C GLN B 374 8.40 -24.52 8.39
N GLY B 375 9.36 -24.83 9.28
CA GLY B 375 10.18 -23.82 9.91
C GLY B 375 9.48 -23.22 11.12
N LYS B 376 10.23 -22.39 11.87
CA LYS B 376 9.61 -21.71 13.01
C LYS B 376 8.68 -20.61 12.53
N PHE B 377 7.57 -20.47 13.25
CA PHE B 377 6.56 -19.46 12.95
C PHE B 377 6.17 -19.47 11.48
N PRO B 378 5.65 -20.60 10.98
CA PRO B 378 5.38 -20.66 9.53
C PRO B 378 4.31 -19.72 9.07
N LEU B 379 3.25 -19.51 9.85
CA LEU B 379 2.20 -18.61 9.35
C LEU B 379 2.62 -17.16 9.49
N THR B 380 3.23 -16.79 10.61
CA THR B 380 3.68 -15.42 10.81
C THR B 380 4.79 -15.07 9.83
N SER B 381 5.71 -16.00 9.59
N SER B 381 5.71 -16.00 9.58
CA SER B 381 6.79 -15.79 8.63
CA SER B 381 6.78 -15.76 8.62
C SER B 381 6.23 -15.56 7.23
C SER B 381 6.24 -15.57 7.22
N THR B 382 5.15 -16.28 6.87
CA THR B 382 4.55 -16.12 5.56
C THR B 382 4.09 -14.68 5.35
N LEU B 383 3.46 -14.11 6.36
CA LEU B 383 2.98 -12.73 6.24
C LEU B 383 4.15 -11.75 6.29
N ASN B 384 5.16 -12.02 7.13
CA ASN B 384 6.33 -11.16 7.17
C ASN B 384 6.96 -11.05 5.78
N LYS B 385 7.08 -12.17 5.08
CA LYS B 385 7.69 -12.15 3.75
C LYS B 385 6.77 -11.52 2.72
N ALA B 386 5.47 -11.88 2.75
CA ALA B 386 4.53 -11.35 1.79
C ALA B 386 4.34 -9.84 1.93
N LEU B 387 4.42 -9.32 3.14
CA LEU B 387 4.22 -7.90 3.37
C LEU B 387 5.53 -7.10 3.32
N GLY B 388 6.67 -7.78 3.11
CA GLY B 388 7.96 -7.11 3.04
C GLY B 388 8.40 -6.45 4.34
N ILE B 389 8.06 -7.05 5.49
CA ILE B 389 8.33 -6.41 6.77
C ILE B 389 9.83 -6.30 7.02
N SER B 390 10.59 -7.33 6.66
CA SER B 390 12.01 -7.38 6.97
C SER B 390 12.85 -7.14 5.70
C1 NAG C . 21.51 12.50 -17.15
C1 NAG C . 21.57 12.51 -17.09
C2 NAG C . 20.02 12.52 -16.66
C2 NAG C . 20.31 12.63 -16.18
C3 NAG C . 19.09 12.13 -17.85
C3 NAG C . 19.04 12.30 -17.04
C4 NAG C . 19.40 12.96 -19.13
C4 NAG C . 18.99 13.15 -18.34
C5 NAG C . 20.94 13.04 -19.40
C5 NAG C . 20.39 13.10 -19.07
C6 NAG C . 21.17 14.20 -20.46
C6 NAG C . 20.45 14.14 -20.26
C7 NAG C . 19.62 12.00 -14.25
C7 NAG C . 20.31 12.12 -13.70
C8 NAG C . 19.49 10.94 -13.11
C8 NAG C . 20.44 11.05 -12.58
N2 NAG C . 19.85 11.57 -15.55
N2 NAG C . 20.40 11.70 -15.04
O1 NAG C . 22.32 13.04 -16.15
O1 NAG C . 22.65 12.98 -16.37
O3 NAG C . 17.78 12.44 -17.49
O3 NAG C . 17.94 12.65 -16.28
O4 NAG C . 18.74 12.36 -20.26
O4 NAG C . 17.95 12.66 -19.18
O5 NAG C . 21.71 13.33 -18.27
O5 NAG C . 21.46 13.37 -18.21
O6 NAG C . 21.49 13.60 -21.65
O6 NAG C . 21.67 14.03 -20.88
O7 NAG C . 19.55 13.17 -14.01
O7 NAG C . 20.16 13.27 -13.42
H1 NAG C . 21.80 11.43 -17.39
H1 NAG C . 21.71 11.45 -17.44
H2 NAG C . 19.76 13.58 -16.36
H2 NAG C . 20.25 13.70 -15.83
H3 NAG C . 19.23 11.04 -18.09
H3 NAG C . 19.04 11.21 -17.34
H4 NAG C . 19.05 13.99 -18.93
H4 NAG C . 18.81 14.22 -18.05
H5 NAG C . 21.35 12.06 -19.73
H5 NAG C . 20.57 12.06 -19.46
H61 NAG C . 21.99 14.89 -20.15
H61 NAG C . 20.30 15.19 -19.91
H62 NAG C . 20.27 14.85 -20.58
H62 NAG C . 19.63 13.97 -21.01
H81 NAG C . 18.53 10.44 -13.04
H81 NAG C . 19.54 10.47 -12.38
H82 NAG C . 20.18 10.10 -13.16
H82 NAG C . 21.19 10.28 -12.73
H83 NAG C . 19.64 11.31 -12.09
H83 NAG C . 20.69 11.43 -11.59
HN2 NAG C . 19.92 10.60 -15.78
HN2 NAG C . 20.54 10.73 -15.27
HO1 NAG C . 22.45 12.40 -15.44
HO1 NAG C . 22.83 12.39 -15.62
HO3 NAG C . 17.48 11.81 -16.82
HO3 NAG C . 17.15 12.24 -16.65
HO6 NAG C . 22.35 13.18 -21.56
HO6 NAG C . 22.23 13.45 -20.36
C1 NAG C . 17.67 13.05 -20.85
C1 NAG C . 16.74 13.35 -19.24
C2 NAG C . 17.33 12.34 -22.22
C2 NAG C . 16.00 12.98 -20.60
C3 NAG C . 16.08 13.06 -22.81
C3 NAG C . 14.60 13.70 -20.52
C4 NAG C . 14.89 13.04 -21.77
C4 NAG C . 13.82 13.28 -19.24
C5 NAG C . 15.38 13.66 -20.41
C5 NAG C . 14.68 13.59 -17.99
C6 NAG C . 14.28 13.59 -19.31
C6 NAG C . 13.94 13.10 -16.67
C7 NAG C . 18.98 11.34 -23.92
C7 NAG C . 17.50 12.60 -22.67
C8 NAG C . 18.21 10.04 -23.78
C8 NAG C . 17.56 11.09 -22.40
N2 NAG C . 18.50 12.44 -23.14
N2 NAG C . 16.75 13.46 -21.79
O3 NAG C . 15.73 12.36 -23.96
O3 NAG C . 13.88 13.32 -21.64
O4 NAG C . 13.86 13.82 -22.26
O4 NAG C . 12.65 14.03 -19.18
O5 NAG C . 16.55 12.97 -19.98
O5 NAG C . 15.96 12.93 -18.13
O6 NAG C . 14.90 13.37 -18.10
O6 NAG C . 14.46 13.81 -15.59
O7 NAG C . 19.91 11.43 -24.67
O7 NAG C . 18.08 13.04 -23.60
H1 NAG C . 17.93 14.15 -20.96
H1 NAG C . 16.92 14.46 -19.13
H2 NAG C . 17.03 11.28 -22.04
H2 NAG C . 15.86 11.87 -20.64
H3 NAG C . 16.30 14.14 -23.04
H3 NAG C . 14.74 14.81 -20.50
H4 NAG C . 14.54 11.98 -21.58
H4 NAG C . 13.59 12.17 -19.24
H5 NAG C . 15.62 14.75 -20.56
H5 NAG C . 14.87 14.69 -17.90
H61 NAG C . 13.54 12.77 -19.50
H61 NAG C . 14.06 12.01 -16.49
H62 NAG C . 13.66 14.51 -19.25
H62 NAG C . 12.84 13.26 -16.74
H81 NAG C . 17.15 10.18 -24.10
H81 NAG C . 18.30 10.61 -23.08
H82 NAG C . 18.67 9.24 -24.42
H82 NAG C . 17.88 10.90 -21.34
H83 NAG C . 18.22 9.69 -22.72
H83 NAG C . 16.57 10.63 -22.57
HN2 NAG C . 18.95 13.33 -23.20
HN2 NAG C . 16.71 14.44 -21.97
HO3 NAG C . 15.10 11.67 -23.73
HO3 NAG C . 14.38 12.64 -22.12
HO4 NAG C . 14.06 14.06 -23.16
HO4 NAG C . 12.88 14.94 -18.99
HO6 NAG C . 15.86 13.29 -18.24
HO6 NAG C . 15.27 13.38 -15.30
C1 NDG D . 11.35 12.10 -21.70
C2 NDG D . 10.45 13.35 -22.00
C3 NDG D . 9.85 13.23 -23.48
C4 NDG D . 10.95 12.90 -24.48
C5 NDG D . 11.61 11.58 -23.98
C6 NDG D . 12.63 11.10 -24.98
C7 NDG D . 9.40 14.54 -20.06
C8 NDG D . 8.36 14.55 -18.87
O5 NDG D . 12.23 11.82 -22.78
O3 NDG D . 9.34 14.45 -23.87
O4 NDG D . 10.41 12.70 -25.76
O6 NDG D . 13.41 12.22 -25.35
O7 NDG D . 10.09 15.49 -20.27
N2 NDG D . 9.48 13.43 -20.88
O1 NDG D . 10.53 11.00 -21.56
H1 NDG D . 11.96 12.29 -20.76
H2 NDG D . 11.06 14.31 -22.08
H3 NDG D . 9.06 12.42 -23.47
H4 NDG D . 11.70 13.74 -24.49
H5 NDG D . 10.86 10.76 -23.82
H61 NDG D . 13.29 10.31 -24.55
H62 NDG D . 12.16 10.65 -25.89
H81 NDG D . 8.15 13.58 -18.42
H82 NDG D . 7.37 14.94 -19.09
H83 NDG D . 8.65 15.14 -17.99
HO3 NDG D . 10.05 15.11 -23.84
HO6 NDG D . 13.14 12.50 -26.23
HN2 NDG D . 8.90 12.64 -20.75
HO1 NDG D . 9.77 11.11 -22.11
C1 NAG D . 10.68 13.61 -26.78
C2 NAG D . 10.27 12.91 -28.13
C3 NAG D . 10.51 13.97 -29.28
C4 NAG D . 9.53 15.15 -28.99
C5 NAG D . 9.89 15.74 -27.60
C6 NAG D . 8.92 16.93 -27.15
C7 NAG D . 10.30 10.40 -28.28
C8 NAG D . 11.11 9.10 -28.54
N2 NAG D . 10.99 11.65 -28.35
O3 NAG D . 10.20 13.41 -30.50
O4 NAG D . 9.68 16.13 -29.95
O5 NAG D . 9.84 14.71 -26.59
O6 NAG D . 7.79 16.98 -28.00
O7 NAG D . 9.15 10.32 -28.04
H1 NAG D . 11.76 13.96 -26.73
H2 NAG D . 9.16 12.69 -28.10
H3 NAG D . 11.57 14.32 -29.32
H4 NAG D . 8.44 14.80 -28.97
H5 NAG D . 10.93 16.15 -27.67
H61 NAG D . 9.43 17.93 -27.16
H62 NAG D . 8.56 16.82 -26.09
H81 NAG D . 10.44 8.22 -28.56
H82 NAG D . 11.65 9.17 -29.51
H83 NAG D . 11.87 8.96 -27.73
HN2 NAG D . 11.97 11.71 -28.54
HO3 NAG D . 9.44 12.81 -30.41
HO4 NAG D . 8.95 16.75 -29.86
HO6 NAG D . 7.27 16.19 -27.88
C1 NAG E . -10.59 -15.72 22.84
C1 NAG E . -11.56 -12.01 19.74
C2 NAG E . -9.69 -17.00 22.86
C2 NAG E . -10.76 -11.45 21.05
C3 NAG E . -9.99 -17.75 24.25
C3 NAG E . -10.14 -12.58 21.89
C4 NAG E . -9.65 -16.77 25.40
C4 NAG E . -10.45 -14.00 21.31
C5 NAG E . -10.53 -15.44 25.17
C5 NAG E . -10.19 -14.00 19.76
C6 NAG E . -10.34 -14.35 26.30
C6 NAG E . -10.37 -15.45 19.18
C7 NAG E . -8.92 -18.14 20.73
C7 NAG E . -8.99 -10.42 19.48
C8 NAG E . -9.24 -19.02 19.49
C8 NAG E . -7.98 -9.25 19.25
N2 NAG E . -9.94 -17.84 21.66
N2 NAG E . -9.75 -10.40 20.68
O1 NAG E . -10.36 -14.99 21.69
O1 NAG E . -12.81 -12.40 20.15
O3 NAG E . -9.17 -18.88 24.39
O3 NAG E . -10.76 -12.46 23.13
O4 NAG E . -9.87 -17.35 26.67
O4 NAG E . -9.59 -14.98 21.92
O5 NAG E . -10.22 -14.87 23.93
O5 NAG E . -11.01 -13.15 19.07
O6 NAG E . -11.12 -13.25 25.98
O6 NAG E . -10.56 -15.39 17.82
O7 NAG E . -7.80 -17.74 20.91
O7 NAG E . -9.11 -11.29 18.67
H1 NAG E . -11.68 -16.03 22.89
H1 NAG E . -11.53 -11.16 18.99
H2 NAG E . -8.60 -16.71 22.86
H2 NAG E . -11.58 -11.01 21.70
H3 NAG E . -11.06 -18.07 24.31
H3 NAG E . -9.02 -12.53 21.93
H4 NAG E . -8.57 -16.50 25.34
H4 NAG E . -11.53 -14.19 21.50
H5 NAG E . -11.62 -15.71 25.17
H5 NAG E . -9.15 -13.62 19.56
H61 NAG E . -10.62 -14.73 27.31
H61 NAG E . -9.49 -16.09 19.39
H62 NAG E . -9.27 -14.04 26.39
H62 NAG E . -11.23 -15.98 19.65
H81 NAG E . -9.43 -20.07 19.67
H81 NAG E . -8.42 -8.28 18.97
H82 NAG E . -10.11 -18.72 18.91
H82 NAG E . -7.36 -8.97 20.10
H83 NAG E . -8.46 -19.06 18.72
H83 NAG E . -7.24 -9.40 18.47
HN2 NAG E . -10.88 -18.16 21.54
HN2 NAG E . -9.63 -9.68 21.35
HO1 NAG E . -10.63 -15.50 20.91
HO1 NAG E . -12.82 -12.53 21.11
HO3 NAG E . -9.52 -19.44 25.10
HO3 NAG E . -11.11 -13.31 23.39
HO6 NAG E . -11.31 -13.26 25.04
HO6 NAG E . -11.15 -14.66 17.62
C1 NAG E . -8.81 -17.98 27.33
C1 NAG E . -10.13 -15.72 22.99
C2 NAG E . -8.73 -17.48 28.83
C2 NAG E . -9.47 -17.16 23.08
C3 NAG E . -7.69 -18.40 29.58
C3 NAG E . -10.01 -17.84 24.41
C4 NAG E . -7.95 -19.93 29.30
C4 NAG E . -9.84 -16.90 25.63
C5 NAG E . -8.07 -20.19 27.77
C5 NAG E . -10.46 -15.49 25.32
C6 NAG E . -8.40 -21.70 27.42
C6 NAG E . -10.29 -14.45 26.49
C7 NAG E . -9.02 -15.03 29.59
C7 NAG E . -8.84 -18.21 20.86
C8 NAG E . -8.44 -13.61 29.58
C8 NAG E . -9.23 -19.04 19.63
N2 NAG E . -8.27 -16.05 28.90
N2 NAG E . -9.82 -17.97 21.87
O3 NAG E . -7.82 -18.11 30.94
O3 NAG E . -9.28 -19.02 24.66
O4 NAG E . -6.86 -20.62 29.75
O4 NAG E . -10.53 -17.46 26.69
O5 NAG E . -9.08 -19.35 27.27
O5 NAG E . -9.82 -14.98 24.16
O6 NAG E . -9.72 -21.98 27.78
O6 NAG E . -10.98 -13.28 26.16
O7 NAG E . -10.04 -15.24 30.15
O7 NAG E . -7.73 -17.77 20.95
H1 NAG E . -7.82 -17.78 26.80
H1 NAG E . -11.25 -15.81 22.88
H2 NAG E . -9.75 -17.61 29.29
H2 NAG E . -8.35 -17.06 23.19
H3 NAG E . -6.65 -18.19 29.22
H3 NAG E . -11.10 -18.07 24.27
H4 NAG E . -8.91 -20.27 29.79
H4 NAG E . -8.74 -16.72 25.88
H5 NAG E . -7.08 -19.97 27.26
H5 NAG E . -11.57 -15.60 25.16
H61 NAG E . -7.72 -22.41 27.94
H61 NAG E . -9.22 -14.21 26.70
H62 NAG E . -8.25 -21.92 26.33
H62 NAG E . -10.68 -14.83 27.47
H81 NAG E . -8.43 -13.20 28.53
H81 NAG E . -9.95 -18.47 18.99
H82 NAG E . -9.05 -12.93 30.22
H82 NAG E . -8.33 -19.29 19.02
H83 NAG E . -7.39 -13.61 29.95
H83 NAG E . -9.73 -19.98 19.94
HN2 NAG E . -7.41 -15.83 28.44
HN2 NAG E . -10.75 -18.33 21.80
HO3 NAG E . -7.80 -18.94 31.43
HO3 NAG E . -9.38 -19.61 23.90
HO4 NAG E . -6.10 -20.35 29.23
HO4 NAG E . -11.46 -17.47 26.48
HO6 NAG E . -10.22 -21.15 27.84
HO6 NAG E . -11.51 -13.45 25.36
C1 NAG F . -20.69 -15.28 16.07
C1 NAG F . -20.87 -15.37 16.04
C2 NAG F . -19.45 -14.33 15.81
C2 NAG F . -19.92 -14.16 15.69
C3 NAG F . -18.16 -15.02 16.46
C3 NAG F . -18.50 -14.49 16.24
C4 NAG F . -18.43 -15.48 17.93
C4 NAG F . -18.55 -14.87 17.76
C5 NAG F . -19.83 -16.22 18.02
C5 NAG F . -19.67 -15.98 18.00
C6 NAG F . -20.19 -16.54 19.53
C6 NAG F . -19.89 -16.27 19.53
C7 NAG F . -19.79 -12.99 13.68
C7 NAG F . -20.17 -12.77 13.59
C8 NAG F . -19.55 -12.86 12.15
C8 NAG F . -20.05 -12.74 12.03
N2 NAG F . -19.27 -14.11 14.35
N2 NAG F . -19.85 -13.96 14.23
O1 NAG F . -21.84 -14.66 15.62
O1 NAG F . -22.13 -15.00 15.65
O3 NAG F . -17.13 -14.10 16.53
O3 NAG F . -17.73 -13.35 16.08
O4 NAG F . -17.38 -16.35 18.35
O4 NAG F . -17.28 -15.33 18.13
O5 NAG F . -20.85 -15.49 17.45
O5 NAG F . -20.90 -15.62 17.43
O6 NAG F . -20.38 -17.91 19.64
O6 NAG F . -20.86 -17.27 19.67
O7 NAG F . -20.40 -12.15 14.26
O7 NAG F . -20.52 -11.79 14.18
H1 NAG F . -20.53 -16.26 15.53
H1 NAG F . -20.51 -16.32 15.53
H2 NAG F . -19.62 -13.35 16.34
H2 NAG F . -20.33 -13.25 16.21
H3 NAG F . -17.90 -15.92 15.83
H3 NAG F . -18.05 -15.37 15.70
H4 NAG F . -18.48 -14.56 18.56
H4 NAG F . -18.85 -13.97 18.35
H5 NAG F . -19.80 -17.18 17.45
H5 NAG F . -19.38 -16.93 17.49
H61 NAG F . -21.11 -16.01 19.86
H61 NAG F . -20.22 -15.37 20.10
H62 NAG F . -19.39 -16.21 20.23
H62 NAG F . -18.94 -16.61 20.03
H81 NAG F . -18.56 -12.54 11.83
H81 NAG F . -19.05 -12.58 11.64
H82 NAG F . -19.70 -13.78 11.56
H82 NAG F . -20.36 -13.64 11.52
H83 NAG F . -20.20 -12.15 11.62
H83 NAG F . -20.62 -11.96 11.52
HN2 NAG F . -18.74 -14.81 13.87
HN2 NAG F . -19.55 -14.77 13.71
HO1 NAG F . -21.97 -14.84 14.66
HO1 NAG F . -22.20 -15.03 14.69
HO3 NAG F . -16.92 -13.80 15.63
HO3 NAG F . -16.82 -13.55 16.31
HO6 NAG F . -19.55 -18.36 19.44
HO6 NAG F . -21.25 -17.44 18.80
C1 NAG F . -16.60 -15.95 19.45
C1 NAG F . -16.48 -14.55 18.97
C2 NAG F . -15.87 -17.23 20.05
C2 NAG F . -15.40 -15.47 19.69
C3 NAG F . -14.98 -16.67 21.20
C3 NAG F . -14.37 -14.52 20.40
C4 NAG F . -14.02 -15.57 20.66
C4 NAG F . -13.82 -13.46 19.41
C5 NAG F . -14.81 -14.43 19.95
C5 NAG F . -14.96 -12.69 18.72
C6 NAG F . -13.85 -13.38 19.28
C6 NAG F . -14.38 -11.69 17.61
C7 NAG F . -16.68 -19.65 20.40
C7 NAG F . -16.02 -17.79 20.56
C8 NAG F . -15.38 -20.15 19.77
C8 NAG F . -15.42 -18.44 19.31
N2 NAG F . -16.88 -18.22 20.52
N2 NAG F . -16.00 -16.38 20.71
O3 NAG F . -14.22 -17.72 21.70
O3 NAG F . -13.33 -15.32 20.84
O4 NAG F . -13.35 -15.02 21.73
O4 NAG F . -13.07 -12.53 20.12
O5 NAG F . -15.65 -15.03 18.98
O5 NAG F . -15.84 -13.62 18.10
O6 NAG F . -14.47 -12.84 18.16
O6 NAG F . -15.37 -10.84 17.16
O7 NAG F . -17.48 -20.43 20.79
O7 NAG F . -16.51 -18.48 21.41
H1 NAG F . -17.24 -15.44 20.23
H1 NAG F . -17.09 -13.99 19.73
H2 NAG F . -15.20 -17.70 19.29
H2 NAG F . -14.88 -16.05 18.88
H3 NAG F . -15.64 -16.25 22.02
H3 NAG F . -14.86 -13.98 21.24
H4 NAG F . -13.30 -16.00 19.89
H4 NAG F . -13.21 -13.99 18.62
H5 NAG F . -15.44 -13.87 20.70
H5 NAG F . -15.54 -12.08 19.47
H61 NAG F . -12.87 -13.84 18.98
H61 NAG F . -13.94 -12.24 16.74
H62 NAG F . -13.57 -12.56 19.98
H62 NAG F . -13.52 -11.08 18.02
H81 NAG F . -14.50 -19.81 20.36
H81 NAG F . -15.61 -19.54 19.33
H82 NAG F . -15.39 -21.27 19.74
H82 NAG F . -15.90 -18.02 18.39
H83 NAG F . -15.29 -19.77 18.72
H83 NAG F . -14.33 -18.27 19.28
HN2 NAG F . -17.71 -17.86 20.95
HN2 NAG F . -16.40 -15.95 21.50
HO3 NAG F . -13.29 -17.47 21.67
HO3 NAG F . -13.51 -16.24 20.61
HO4 NAG F . -12.58 -14.55 21.40
HO4 NAG F . -13.65 -12.11 20.76
HO6 NAG F . -15.42 -13.05 18.19
HO6 NAG F . -15.76 -11.20 16.36
MG MG G . 1.53 9.57 -40.19
MG MG H . 39.28 -7.48 -24.07
#